data_3C3G
# 
_entry.id   3C3G 
# 
_audit_conform.dict_name       mmcif_pdbx.dic 
_audit_conform.dict_version    5.395 
_audit_conform.dict_location   http://mmcif.pdb.org/dictionaries/ascii/mmcif_pdbx.dic 
# 
loop_
_database_2.database_id 
_database_2.database_code 
_database_2.pdbx_database_accession 
_database_2.pdbx_DOI 
PDB   3C3G         pdb_00003c3g 10.2210/pdb3c3g/pdb 
RCSB  RCSB046292   ?            ?                   
WWPDB D_1000046292 ?            ?                   
# 
loop_
_pdbx_audit_revision_history.ordinal 
_pdbx_audit_revision_history.data_content_type 
_pdbx_audit_revision_history.major_revision 
_pdbx_audit_revision_history.minor_revision 
_pdbx_audit_revision_history.revision_date 
1 'Structure model' 1 0 2008-06-17 
2 'Structure model' 1 1 2011-07-13 
3 'Structure model' 2 0 2023-11-15 
4 'Structure model' 2 1 2024-07-10 
# 
_pdbx_audit_revision_details.ordinal             1 
_pdbx_audit_revision_details.revision_ordinal    1 
_pdbx_audit_revision_details.data_content_type   'Structure model' 
_pdbx_audit_revision_details.provider            repository 
_pdbx_audit_revision_details.type                'Initial release' 
_pdbx_audit_revision_details.description         ? 
_pdbx_audit_revision_details.details             ? 
# 
loop_
_pdbx_audit_revision_group.ordinal 
_pdbx_audit_revision_group.revision_ordinal 
_pdbx_audit_revision_group.data_content_type 
_pdbx_audit_revision_group.group 
1 2 'Structure model' 'Atomic model'              
2 2 'Structure model' 'Version format compliance' 
3 3 'Structure model' 'Atomic model'              
4 3 'Structure model' 'Data collection'           
5 3 'Structure model' 'Database references'       
6 3 'Structure model' 'Derived calculations'      
7 4 'Structure model' 'Data collection'           
# 
loop_
_pdbx_audit_revision_category.ordinal 
_pdbx_audit_revision_category.revision_ordinal 
_pdbx_audit_revision_category.data_content_type 
_pdbx_audit_revision_category.category 
1  3 'Structure model' atom_site                      
2  3 'Structure model' chem_comp_atom                 
3  3 'Structure model' chem_comp_bond                 
4  3 'Structure model' database_2                     
5  3 'Structure model' pdbx_validate_main_chain_plane 
6  3 'Structure model' pdbx_validate_peptide_omega    
7  3 'Structure model' pdbx_validate_rmsd_angle       
8  3 'Structure model' pdbx_validate_torsion          
9  3 'Structure model' struct_conn                    
10 3 'Structure model' struct_site                    
11 4 'Structure model' chem_comp                      
# 
loop_
_pdbx_audit_revision_item.ordinal 
_pdbx_audit_revision_item.revision_ordinal 
_pdbx_audit_revision_item.data_content_type 
_pdbx_audit_revision_item.item 
1  3 'Structure model' '_atom_site.B_iso_or_equiv'                          
2  3 'Structure model' '_atom_site.Cartn_x'                                 
3  3 'Structure model' '_atom_site.Cartn_y'                                 
4  3 'Structure model' '_atom_site.Cartn_z'                                 
5  3 'Structure model' '_atom_site.auth_atom_id'                            
6  3 'Structure model' '_atom_site.label_atom_id'                           
7  3 'Structure model' '_database_2.pdbx_DOI'                               
8  3 'Structure model' '_database_2.pdbx_database_accession'                
9  3 'Structure model' '_pdbx_validate_rmsd_angle.angle_deviation'          
10 3 'Structure model' '_pdbx_validate_rmsd_angle.angle_standard_deviation' 
11 3 'Structure model' '_pdbx_validate_rmsd_angle.angle_target_value'       
12 3 'Structure model' '_pdbx_validate_rmsd_angle.angle_value'              
13 3 'Structure model' '_pdbx_validate_rmsd_angle.auth_atom_id_1'           
14 3 'Structure model' '_pdbx_validate_rmsd_angle.auth_atom_id_2'           
15 3 'Structure model' '_pdbx_validate_rmsd_angle.auth_atom_id_3'           
16 3 'Structure model' '_pdbx_validate_rmsd_angle.auth_comp_id_1'           
17 3 'Structure model' '_pdbx_validate_rmsd_angle.auth_comp_id_3'           
18 3 'Structure model' '_pdbx_validate_rmsd_angle.auth_seq_id_1'            
19 3 'Structure model' '_pdbx_validate_rmsd_angle.auth_seq_id_2'            
20 3 'Structure model' '_pdbx_validate_rmsd_angle.auth_seq_id_3'            
21 3 'Structure model' '_struct_conn.pdbx_leaving_atom_flag'                
22 3 'Structure model' '_struct_site.pdbx_auth_asym_id'                     
23 3 'Structure model' '_struct_site.pdbx_auth_comp_id'                     
24 3 'Structure model' '_struct_site.pdbx_auth_seq_id'                      
25 4 'Structure model' '_chem_comp.type'                                    
# 
_pdbx_database_status.status_code                     REL 
_pdbx_database_status.entry_id                        3C3G 
_pdbx_database_status.recvd_initial_deposition_date   2008-01-28 
_pdbx_database_status.deposit_site                    RCSB 
_pdbx_database_status.process_site                    RCSB 
_pdbx_database_status.status_code_sf                  REL 
_pdbx_database_status.status_code_mr                  ? 
_pdbx_database_status.SG_entry                        ? 
_pdbx_database_status.pdb_format_compatible           Y 
_pdbx_database_status.status_code_cs                  ? 
_pdbx_database_status.status_code_nmr_data            ? 
_pdbx_database_status.methods_development_category    ? 
# 
loop_
_pdbx_database_related.db_name 
_pdbx_database_related.db_id 
_pdbx_database_related.details 
_pdbx_database_related.content_type 
PDB 1GCL 'Same primary sequence of side chains on an all alpha-residue backbone'           unspecified 
PDB 1UO2 'Same primary sequence of side chains on an all alpha-residue backbone'           unspecified 
PDB 2OXK 'Same primary sequence of side chains on a different alpha/beta backbone pattern' unspecified 
PDB 3C3F .                                                                                 unspecified 
PDB 3C3H .                                                                                 unspecified 
# 
loop_
_audit_author.name 
_audit_author.pdbx_ordinal 
'Horne, W.S.'   1 
'Price, J.L.'   2 
'Gellman, S.H.' 3 
# 
_citation.id                        primary 
_citation.title                     
'Interplay among side chain sequence, backbone composition, and residue rigidification in polypeptide folding and assembly.' 
_citation.journal_abbrev            Proc.Natl.Acad.Sci.Usa 
_citation.journal_volume            105 
_citation.page_first                9151 
_citation.page_last                 9156 
_citation.year                      2008 
_citation.journal_id_ASTM           PNASA6 
_citation.country                   US 
_citation.journal_id_ISSN           0027-8424 
_citation.journal_id_CSD            0040 
_citation.book_publisher            ? 
_citation.pdbx_database_id_PubMed   18587049 
_citation.pdbx_database_id_DOI      10.1073/pnas.0801135105 
# 
loop_
_citation_author.citation_id 
_citation_author.name 
_citation_author.ordinal 
_citation_author.identifier_ORCID 
primary 'Horne, W.S.'   1 ? 
primary 'Price, J.L.'   2 ? 
primary 'Gellman, S.H.' 3 ? 
# 
loop_
_entity.id 
_entity.type 
_entity.src_method 
_entity.pdbx_description 
_entity.formula_weight 
_entity.pdbx_number_of_molecules 
_entity.pdbx_ec 
_entity.pdbx_mutation 
_entity.pdbx_fragment 
_entity.details 
1 polymer     syn 'alpha/beta peptide with the GCN4-pLI side chain sequence on an (alpha-alpha-beta) backbone' 4198.070 1  ? ? ? ? 
2 non-polymer syn GLYCEROL                                                                                     92.094   1  ? ? ? ? 
3 water       nat water                                                                                        18.015   49 ? ? ? ? 
# 
_entity_poly.entity_id                      1 
_entity_poly.type                           'polypeptide(L)' 
_entity_poly.nstd_linkage                   no 
_entity_poly.nstd_monomer                   yes 
_entity_poly.pdbx_seq_one_letter_code       '(HMR)MK(B3Q)IE(B3D)KL(B3E)EI(B3L)SK(B3L)YH(BIL)EN(B3E)LA(HMR)IK(B3K)LL(BAL)ER' 
_entity_poly.pdbx_seq_one_letter_code_can   RMKXIEDKLEEIXSKXYHXENELARIKKLLXER 
_entity_poly.pdbx_strand_id                 A 
_entity_poly.pdbx_target_identifier         ? 
# 
loop_
_pdbx_entity_nonpoly.entity_id 
_pdbx_entity_nonpoly.name 
_pdbx_entity_nonpoly.comp_id 
2 GLYCEROL GOL 
3 water    HOH 
# 
loop_
_entity_poly_seq.entity_id 
_entity_poly_seq.num 
_entity_poly_seq.mon_id 
_entity_poly_seq.hetero 
1 1  HMR n 
1 2  MET n 
1 3  LYS n 
1 4  B3Q n 
1 5  ILE n 
1 6  GLU n 
1 7  B3D n 
1 8  LYS n 
1 9  LEU n 
1 10 B3E n 
1 11 GLU n 
1 12 ILE n 
1 13 B3L n 
1 14 SER n 
1 15 LYS n 
1 16 B3L n 
1 17 TYR n 
1 18 HIS n 
1 19 BIL n 
1 20 GLU n 
1 21 ASN n 
1 22 B3E n 
1 23 LEU n 
1 24 ALA n 
1 25 HMR n 
1 26 ILE n 
1 27 LYS n 
1 28 B3K n 
1 29 LEU n 
1 30 LEU n 
1 31 BAL n 
1 32 GLU n 
1 33 ARG n 
# 
_pdbx_entity_src_syn.entity_id              1 
_pdbx_entity_src_syn.pdbx_src_id            1 
_pdbx_entity_src_syn.pdbx_alt_source_flag   sample 
_pdbx_entity_src_syn.pdbx_beg_seq_num       ? 
_pdbx_entity_src_syn.pdbx_end_seq_num       ? 
_pdbx_entity_src_syn.organism_scientific    ? 
_pdbx_entity_src_syn.organism_common_name   ? 
_pdbx_entity_src_syn.ncbi_taxonomy_id       ? 
_pdbx_entity_src_syn.details                'synthetic peptide' 
# 
loop_
_chem_comp.id 
_chem_comp.type 
_chem_comp.mon_nstd_flag 
_chem_comp.name 
_chem_comp.pdbx_synonyms 
_chem_comp.formula 
_chem_comp.formula_weight 
ALA 'L-peptide linking' y ALANINE                                 ?                               'C3 H7 N O2'     89.093  
ARG 'L-peptide linking' y ARGININE                                ?                               'C6 H15 N4 O2 1' 175.209 
ASN 'L-peptide linking' y ASPARAGINE                              ?                               'C4 H8 N2 O3'    132.118 
B3D 'L-peptide linking' n '3-AMINOPENTANEDIOIC ACID'              BETA-HOMOASPARTATE              'C5 H9 N O4'     147.129 
B3E 'L-peptide linking' n '(3S)-3-AMINOHEXANEDIOIC ACID'          ?                               'C6 H11 N O4'    161.156 
B3K 'L-peptide linking' n '(3S)-3,7-DIAMINOHEPTANOIC ACID'        ?                               'C7 H16 N2 O2'   160.214 
B3L 'L-peptide linking' . '(3S)-3-amino-5-methylhexanoic acid'    '(S)-beta-3-homoleucine'        'C7 H15 N O2'    145.200 
B3Q 'L-peptide linking' . '(3S)-3,6-diamino-6-oxohexanoic acid'   '(S)-beta-3-homoglutamine'      'C6 H12 N2 O3'   160.171 
BAL peptide-like        . BETA-ALANINE                            ?                               'C3 H7 N O2'     89.093  
BIL 'L-peptide linking' . '(3R,4S)-3-amino-4-methylhexanoic acid' '(R,S)-beta-3-homoisoleucine'   'C7 H15 N O2'    145.200 
GLU 'L-peptide linking' y 'GLUTAMIC ACID'                         ?                               'C5 H9 N O4'     147.129 
GOL non-polymer         . GLYCEROL                                'GLYCERIN; PROPANE-1,2,3-TRIOL' 'C3 H8 O3'       92.094  
HIS 'L-peptide linking' y HISTIDINE                               ?                               'C6 H10 N3 O2 1' 156.162 
HMR 'L-peptide linking' n BETA-HOMOARGININE                       ?                               'C7 H16 N4 O2'   188.228 
HOH non-polymer         . WATER                                   ?                               'H2 O'           18.015  
ILE 'L-peptide linking' y ISOLEUCINE                              ?                               'C6 H13 N O2'    131.173 
LEU 'L-peptide linking' y LEUCINE                                 ?                               'C6 H13 N O2'    131.173 
LYS 'L-peptide linking' y LYSINE                                  ?                               'C6 H15 N2 O2 1' 147.195 
MET 'L-peptide linking' y METHIONINE                              ?                               'C5 H11 N O2 S'  149.211 
SER 'L-peptide linking' y SERINE                                  ?                               'C3 H7 N O3'     105.093 
TYR 'L-peptide linking' y TYROSINE                                ?                               'C9 H11 N O3'    181.189 
# 
loop_
_pdbx_poly_seq_scheme.asym_id 
_pdbx_poly_seq_scheme.entity_id 
_pdbx_poly_seq_scheme.seq_id 
_pdbx_poly_seq_scheme.mon_id 
_pdbx_poly_seq_scheme.ndb_seq_num 
_pdbx_poly_seq_scheme.pdb_seq_num 
_pdbx_poly_seq_scheme.auth_seq_num 
_pdbx_poly_seq_scheme.pdb_mon_id 
_pdbx_poly_seq_scheme.auth_mon_id 
_pdbx_poly_seq_scheme.pdb_strand_id 
_pdbx_poly_seq_scheme.pdb_ins_code 
_pdbx_poly_seq_scheme.hetero 
A 1 1  HMR 1  1  1  HMR HMR A . n 
A 1 2  MET 2  2  2  MET MET A . n 
A 1 3  LYS 3  3  3  LYS LYS A . n 
A 1 4  B3Q 4  4  4  B3Q B3Q A . n 
A 1 5  ILE 5  5  5  ILE ILE A . n 
A 1 6  GLU 6  6  6  GLU GLU A . n 
A 1 7  B3D 7  7  7  B3D B3D A . n 
A 1 8  LYS 8  8  8  LYS LYS A . n 
A 1 9  LEU 9  9  9  LEU LEU A . n 
A 1 10 B3E 10 10 10 B3E B3E A . n 
A 1 11 GLU 11 11 11 GLU GLU A . n 
A 1 12 ILE 12 12 12 ILE ILE A . n 
A 1 13 B3L 13 13 13 B3L B3L A . n 
A 1 14 SER 14 14 14 SER SER A . n 
A 1 15 LYS 15 15 15 LYS LYS A . n 
A 1 16 B3L 16 16 16 B3L B3L A . n 
A 1 17 TYR 17 17 17 TYR TYR A . n 
A 1 18 HIS 18 18 18 HIS HIS A . n 
A 1 19 BIL 19 19 19 BIL BIL A . n 
A 1 20 GLU 20 20 20 GLU GLU A . n 
A 1 21 ASN 21 21 21 ASN ASN A . n 
A 1 22 B3E 22 22 22 B3E B3E A . n 
A 1 23 LEU 23 23 23 LEU LEU A . n 
A 1 24 ALA 24 24 24 ALA ALA A . n 
A 1 25 HMR 25 25 25 HMR HMR A . n 
A 1 26 ILE 26 26 26 ILE ILE A . n 
A 1 27 LYS 27 27 27 LYS LYS A . n 
A 1 28 B3K 28 28 28 B3K B3K A . n 
A 1 29 LEU 29 29 29 LEU LEU A . n 
A 1 30 LEU 30 30 30 LEU LEU A . n 
A 1 31 BAL 31 31 31 BAL BAL A . n 
A 1 32 GLU 32 32 ?  ?   ?   A . n 
A 1 33 ARG 33 33 ?  ?   ?   A . n 
# 
loop_
_pdbx_nonpoly_scheme.asym_id 
_pdbx_nonpoly_scheme.entity_id 
_pdbx_nonpoly_scheme.mon_id 
_pdbx_nonpoly_scheme.ndb_seq_num 
_pdbx_nonpoly_scheme.pdb_seq_num 
_pdbx_nonpoly_scheme.auth_seq_num 
_pdbx_nonpoly_scheme.pdb_mon_id 
_pdbx_nonpoly_scheme.auth_mon_id 
_pdbx_nonpoly_scheme.pdb_strand_id 
_pdbx_nonpoly_scheme.pdb_ins_code 
B 2 GOL 1  34 1  GOL GOL A . 
C 3 HOH 1  35 1  HOH HOH A . 
C 3 HOH 2  36 2  HOH HOH A . 
C 3 HOH 3  37 3  HOH HOH A . 
C 3 HOH 4  38 4  HOH HOH A . 
C 3 HOH 5  39 5  HOH HOH A . 
C 3 HOH 6  40 6  HOH HOH A . 
C 3 HOH 7  41 7  HOH HOH A . 
C 3 HOH 8  42 8  HOH HOH A . 
C 3 HOH 9  43 9  HOH HOH A . 
C 3 HOH 10 44 10 HOH HOH A . 
C 3 HOH 11 45 11 HOH HOH A . 
C 3 HOH 12 46 12 HOH HOH A . 
C 3 HOH 13 47 13 HOH HOH A . 
C 3 HOH 14 48 14 HOH HOH A . 
C 3 HOH 15 49 15 HOH HOH A . 
C 3 HOH 16 50 16 HOH HOH A . 
C 3 HOH 17 51 17 HOH HOH A . 
C 3 HOH 18 52 18 HOH HOH A . 
C 3 HOH 19 53 19 HOH HOH A . 
C 3 HOH 20 54 20 HOH HOH A . 
C 3 HOH 21 55 21 HOH HOH A . 
C 3 HOH 22 56 22 HOH HOH A . 
C 3 HOH 23 57 23 HOH HOH A . 
C 3 HOH 24 58 24 HOH HOH A . 
C 3 HOH 25 59 25 HOH HOH A . 
C 3 HOH 26 60 26 HOH HOH A . 
C 3 HOH 27 61 27 HOH HOH A . 
C 3 HOH 28 62 28 HOH HOH A . 
C 3 HOH 29 63 29 HOH HOH A . 
C 3 HOH 30 64 30 HOH HOH A . 
C 3 HOH 31 65 31 HOH HOH A . 
C 3 HOH 32 66 32 HOH HOH A . 
C 3 HOH 33 67 33 HOH HOH A . 
C 3 HOH 34 68 34 HOH HOH A . 
C 3 HOH 35 69 35 HOH HOH A . 
C 3 HOH 36 70 36 HOH HOH A . 
C 3 HOH 37 71 37 HOH HOH A . 
C 3 HOH 38 72 38 HOH HOH A . 
C 3 HOH 39 73 39 HOH HOH A . 
C 3 HOH 40 74 40 HOH HOH A . 
C 3 HOH 41 75 41 HOH HOH A . 
C 3 HOH 42 76 42 HOH HOH A . 
C 3 HOH 43 77 43 HOH HOH A . 
C 3 HOH 44 78 44 HOH HOH A . 
C 3 HOH 45 79 45 HOH HOH A . 
C 3 HOH 46 80 46 HOH HOH A . 
C 3 HOH 47 81 48 HOH HOH A . 
C 3 HOH 48 82 49 HOH HOH A . 
C 3 HOH 49 83 51 HOH HOH A . 
# 
loop_
_pdbx_unobs_or_zero_occ_atoms.id 
_pdbx_unobs_or_zero_occ_atoms.PDB_model_num 
_pdbx_unobs_or_zero_occ_atoms.polymer_flag 
_pdbx_unobs_or_zero_occ_atoms.occupancy_flag 
_pdbx_unobs_or_zero_occ_atoms.auth_asym_id 
_pdbx_unobs_or_zero_occ_atoms.auth_comp_id 
_pdbx_unobs_or_zero_occ_atoms.auth_seq_id 
_pdbx_unobs_or_zero_occ_atoms.PDB_ins_code 
_pdbx_unobs_or_zero_occ_atoms.auth_atom_id 
_pdbx_unobs_or_zero_occ_atoms.label_alt_id 
_pdbx_unobs_or_zero_occ_atoms.label_asym_id 
_pdbx_unobs_or_zero_occ_atoms.label_comp_id 
_pdbx_unobs_or_zero_occ_atoms.label_seq_id 
_pdbx_unobs_or_zero_occ_atoms.label_atom_id 
1  1 Y 1 A HMR 1  ? CZ  ? A HMR 1  CZ  
2  1 Y 1 A HMR 1  ? NH1 ? A HMR 1  NH1 
3  1 Y 1 A HMR 1  ? NH2 ? A HMR 1  NH2 
4  1 Y 1 A LYS 3  ? CG  ? A LYS 3  CG  
5  1 Y 1 A LYS 3  ? CD  ? A LYS 3  CD  
6  1 Y 1 A LYS 3  ? CE  ? A LYS 3  CE  
7  1 Y 1 A LYS 3  ? NZ  ? A LYS 3  NZ  
8  1 Y 1 A B3Q 4  ? CD  ? A B3Q 4  CD  
9  1 Y 1 A B3Q 4  ? CE  ? A B3Q 4  CE  
10 1 Y 1 A B3Q 4  ? NF2 ? A B3Q 4  NF2 
11 1 Y 1 A B3Q 4  ? OF1 ? A B3Q 4  OF1 
12 1 Y 1 A GLU 6  ? CG  ? A GLU 6  CG  
13 1 Y 1 A GLU 6  ? CD  ? A GLU 6  CD  
14 1 Y 1 A GLU 6  ? OE1 ? A GLU 6  OE1 
15 1 Y 1 A GLU 6  ? OE2 ? A GLU 6  OE2 
16 1 Y 1 A B3K 28 ? CD  ? A B3K 28 CD  
17 1 Y 1 A B3K 28 ? CE  ? A B3K 28 CE  
18 1 Y 1 A B3K 28 ? CF  ? A B3K 28 CF  
19 1 Y 1 A B3K 28 ? NZ  ? A B3K 28 NZ  
# 
loop_
_software.name 
_software.classification 
_software.version 
_software.citation_id 
_software.pdbx_ordinal 
REFMAC         refinement        5.3.0037 ? 1 
'PROTEUM PLUS' 'data collection' PLUS     ? 2 
'PROTEUM PLUS' 'data reduction'  PLUS     ? 3 
'PROTEUM PLUS' 'data scaling'    PLUS     ? 4 
PHASER         phasing           .        ? 5 
# 
_cell.entry_id           3C3G 
_cell.length_a           38.414 
_cell.length_b           38.414 
_cell.length_c           46.494 
_cell.angle_alpha        90.00 
_cell.angle_beta         90.00 
_cell.angle_gamma        90.00 
_cell.Z_PDB              8 
_cell.pdbx_unique_axis   ? 
_cell.length_a_esd       ? 
_cell.length_b_esd       ? 
_cell.length_c_esd       ? 
_cell.angle_alpha_esd    ? 
_cell.angle_beta_esd     ? 
_cell.angle_gamma_esd    ? 
# 
_symmetry.entry_id                         3C3G 
_symmetry.space_group_name_H-M             'P 4 21 2' 
_symmetry.pdbx_full_space_group_name_H-M   ? 
_symmetry.cell_setting                     ? 
_symmetry.Int_Tables_number                90 
_symmetry.space_group_name_Hall            ? 
# 
_exptl.entry_id          3C3G 
_exptl.method            'X-RAY DIFFRACTION' 
_exptl.crystals_number   1 
# 
_exptl_crystal.id                    1 
_exptl_crystal.density_meas          ? 
_exptl_crystal.density_Matthews      2.04 
_exptl_crystal.density_percent_sol   39.79 
_exptl_crystal.description           ? 
_exptl_crystal.F_000                 ? 
_exptl_crystal.preparation           ? 
# 
_exptl_crystal_grow.crystal_id      1 
_exptl_crystal_grow.method          'VAPOR DIFFUSION, HANGING DROP' 
_exptl_crystal_grow.temp            298 
_exptl_crystal_grow.temp_details    ? 
_exptl_crystal_grow.pH              7.5 
_exptl_crystal_grow.pdbx_details    '0.1 M HEPES pH 7.5, 4.3 M NaCl, VAPOR DIFFUSION, HANGING DROP, temperature 298K' 
_exptl_crystal_grow.pdbx_pH_range   . 
# 
_diffrn.id                     1 
_diffrn.ambient_temp           100 
_diffrn.ambient_temp_details   ? 
_diffrn.crystal_id             1 
# 
_diffrn_detector.diffrn_id              1 
_diffrn_detector.detector               CCD 
_diffrn_detector.type                   'BRUKER SMART 6000' 
_diffrn_detector.pdbx_collection_date   2007-03-26 
_diffrn_detector.details                'confocal mirrors' 
# 
_diffrn_radiation.diffrn_id                        1 
_diffrn_radiation.wavelength_id                    1 
_diffrn_radiation.pdbx_monochromatic_or_laue_m_l   M 
_diffrn_radiation.monochromator                    'gobel mirrors' 
_diffrn_radiation.pdbx_diffrn_protocol             'SINGLE WAVELENGTH' 
_diffrn_radiation.pdbx_scattering_type             x-ray 
# 
_diffrn_radiation_wavelength.id           1 
_diffrn_radiation_wavelength.wavelength   1.5418 
_diffrn_radiation_wavelength.wt           1.0 
# 
_diffrn_source.diffrn_id                   1 
_diffrn_source.source                      'ROTATING ANODE' 
_diffrn_source.type                        'BRUKER AXS MICROSTAR' 
_diffrn_source.pdbx_synchrotron_site       ? 
_diffrn_source.pdbx_synchrotron_beamline   ? 
_diffrn_source.pdbx_wavelength             ? 
_diffrn_source.pdbx_wavelength_list        1.5418 
# 
_reflns.entry_id                     3C3G 
_reflns.observed_criterion_sigma_F   ? 
_reflns.observed_criterion_sigma_I   ? 
_reflns.d_resolution_high            1.80 
_reflns.d_resolution_low             46.5 
_reflns.number_all                   3560 
_reflns.number_obs                   3507 
_reflns.percent_possible_obs         98.5 
_reflns.pdbx_Rmerge_I_obs            ? 
_reflns.pdbx_Rsym_value              0.044 
_reflns.pdbx_netI_over_sigmaI        36.4 
_reflns.B_iso_Wilson_estimate        ? 
_reflns.pdbx_redundancy              12.5 
_reflns.R_free_details               ? 
_reflns.limit_h_max                  ? 
_reflns.limit_h_min                  ? 
_reflns.limit_k_max                  ? 
_reflns.limit_k_min                  ? 
_reflns.limit_l_max                  ? 
_reflns.limit_l_min                  ? 
_reflns.observed_criterion_F_max     ? 
_reflns.observed_criterion_F_min     ? 
_reflns.pdbx_chi_squared             ? 
_reflns.pdbx_scaling_rejects         ? 
_reflns.pdbx_ordinal                 1 
_reflns.pdbx_diffrn_id               1 
# 
_reflns_shell.d_res_high             1.80 
_reflns_shell.d_res_low              1.90 
_reflns_shell.percent_possible_all   92.9 
_reflns_shell.Rmerge_I_obs           ? 
_reflns_shell.pdbx_Rsym_value        0.358 
_reflns_shell.meanI_over_sigI_obs    4.4 
_reflns_shell.pdbx_redundancy        3.8 
_reflns_shell.percent_possible_obs   ? 
_reflns_shell.number_unique_all      ? 
_reflns_shell.number_measured_all    ? 
_reflns_shell.number_measured_obs    ? 
_reflns_shell.number_unique_obs      ? 
_reflns_shell.pdbx_chi_squared       ? 
_reflns_shell.pdbx_ordinal           1 
_reflns_shell.pdbx_diffrn_id         1 
# 
_refine.entry_id                                 3C3G 
_refine.ls_number_reflns_obs                     3341 
_refine.ls_number_reflns_all                     ? 
_refine.pdbx_ls_sigma_I                          ? 
_refine.pdbx_ls_sigma_F                          ? 
_refine.pdbx_data_cutoff_high_absF               ? 
_refine.pdbx_data_cutoff_low_absF                ? 
_refine.pdbx_data_cutoff_high_rms_absF           ? 
_refine.ls_d_res_low                             23.45 
_refine.ls_d_res_high                            1.80 
_refine.ls_percent_reflns_obs                    98.51 
_refine.ls_R_factor_obs                          0.20930 
_refine.ls_R_factor_all                          ? 
_refine.ls_R_factor_R_work                       0.20753 
_refine.ls_R_factor_R_free                       0.24433 
_refine.ls_R_factor_R_free_error                 ? 
_refine.ls_R_factor_R_free_error_details         ? 
_refine.ls_percent_reflns_R_free                 4.4 
_refine.ls_number_reflns_R_free                  152 
_refine.ls_number_parameters                     ? 
_refine.ls_number_restraints                     ? 
_refine.occupancy_min                            ? 
_refine.occupancy_max                            ? 
_refine.correlation_coeff_Fo_to_Fc               0.952 
_refine.correlation_coeff_Fo_to_Fc_free          0.953 
_refine.B_iso_mean                               15.138 
_refine.aniso_B[1][1]                            0.90 
_refine.aniso_B[2][2]                            0.90 
_refine.aniso_B[3][3]                            -1.80 
_refine.aniso_B[1][2]                            0.00 
_refine.aniso_B[1][3]                            0.00 
_refine.aniso_B[2][3]                            0.00 
_refine.solvent_model_details                    MASK 
_refine.solvent_model_param_ksol                 ? 
_refine.solvent_model_param_bsol                 ? 
_refine.pdbx_solvent_vdw_probe_radii             1.40 
_refine.pdbx_solvent_ion_probe_radii             0.80 
_refine.pdbx_solvent_shrinkage_radii             0.80 
_refine.pdbx_ls_cross_valid_method               THROUGHOUT 
_refine.details                                  'HYDROGENS HAVE BEEN ADDED IN THE RIDING POSITIONS' 
_refine.pdbx_starting_model                      ? 
_refine.pdbx_method_to_determine_struct          'MOLECULAR REPLACEMENT' 
_refine.pdbx_isotropic_thermal_model             ? 
_refine.pdbx_stereochemistry_target_values       'MAXIMUM LIKELIHOOD' 
_refine.pdbx_stereochem_target_val_spec_case     ? 
_refine.pdbx_R_Free_selection_details            RANDOM 
_refine.pdbx_overall_ESU_R                       0.147 
_refine.pdbx_overall_ESU_R_Free                  0.137 
_refine.overall_SU_ML                            0.098 
_refine.overall_SU_B                             3.269 
_refine.ls_redundancy_reflns_obs                 ? 
_refine.B_iso_min                                ? 
_refine.B_iso_max                                ? 
_refine.overall_SU_R_Cruickshank_DPI             ? 
_refine.overall_SU_R_free                        ? 
_refine.ls_wR_factor_R_free                      ? 
_refine.ls_wR_factor_R_work                      ? 
_refine.overall_FOM_free_R_set                   ? 
_refine.overall_FOM_work_R_set                   ? 
_refine.pdbx_overall_phase_error                 ? 
_refine.pdbx_refine_id                           'X-RAY DIFFRACTION' 
_refine.pdbx_diffrn_id                           1 
_refine.pdbx_TLS_residual_ADP_flag               ? 
_refine.pdbx_overall_SU_R_free_Cruickshank_DPI   ? 
_refine.pdbx_overall_SU_R_Blow_DPI               ? 
_refine.pdbx_overall_SU_R_free_Blow_DPI          ? 
# 
_refine_hist.pdbx_refine_id                   'X-RAY DIFFRACTION' 
_refine_hist.cycle_id                         LAST 
_refine_hist.pdbx_number_atoms_protein        254 
_refine_hist.pdbx_number_atoms_nucleic_acid   0 
_refine_hist.pdbx_number_atoms_ligand         6 
_refine_hist.number_atoms_solvent             49 
_refine_hist.number_atoms_total               309 
_refine_hist.d_res_high                       1.80 
_refine_hist.d_res_low                        23.45 
# 
loop_
_refine_ls_restr.type 
_refine_ls_restr.dev_ideal 
_refine_ls_restr.dev_ideal_target 
_refine_ls_restr.weight 
_refine_ls_restr.number 
_refine_ls_restr.pdbx_refine_id 
_refine_ls_restr.pdbx_restraint_function 
r_bond_refined_d             0.015  0.021  ? 264 'X-RAY DIFFRACTION' ? 
r_bond_other_d               0.018  0.020  ? 201 'X-RAY DIFFRACTION' ? 
r_angle_refined_deg          2.139  2.253  ? 348 'X-RAY DIFFRACTION' ? 
r_angle_other_deg            1.412  3.000  ? 499 'X-RAY DIFFRACTION' ? 
r_dihedral_angle_1_deg       6.933  5.000  ? 11  'X-RAY DIFFRACTION' ? 
r_dihedral_angle_2_deg       46.232 26.000 ? 5   'X-RAY DIFFRACTION' ? 
r_dihedral_angle_3_deg       13.695 15.000 ? 38  'X-RAY DIFFRACTION' ? 
r_dihedral_angle_4_deg       ?      ?      ? ?   'X-RAY DIFFRACTION' ? 
r_chiral_restr               0.131  0.200  ? 41  'X-RAY DIFFRACTION' ? 
r_gen_planes_refined         0.013  0.020  ? 222 'X-RAY DIFFRACTION' ? 
r_gen_planes_other           0.001  0.020  ? 42  'X-RAY DIFFRACTION' ? 
r_nbd_refined                0.209  0.200  ? 42  'X-RAY DIFFRACTION' ? 
r_nbd_other                  0.241  0.200  ? 223 'X-RAY DIFFRACTION' ? 
r_nbtor_refined              0.168  0.200  ? 86  'X-RAY DIFFRACTION' ? 
r_nbtor_other                0.081  0.200  ? 171 'X-RAY DIFFRACTION' ? 
r_xyhbond_nbd_refined        0.178  0.200  ? 32  'X-RAY DIFFRACTION' ? 
r_xyhbond_nbd_other          ?      ?      ? ?   'X-RAY DIFFRACTION' ? 
r_metal_ion_refined          ?      ?      ? ?   'X-RAY DIFFRACTION' ? 
r_metal_ion_other            ?      ?      ? ?   'X-RAY DIFFRACTION' ? 
r_symmetry_vdw_refined       0.205  0.200  ? 7   'X-RAY DIFFRACTION' ? 
r_symmetry_vdw_other         0.233  0.200  ? 20  'X-RAY DIFFRACTION' ? 
r_symmetry_hbond_refined     0.171  0.200  ? 11  'X-RAY DIFFRACTION' ? 
r_symmetry_hbond_other       ?      ?      ? ?   'X-RAY DIFFRACTION' ? 
r_symmetry_metal_ion_refined ?      ?      ? ?   'X-RAY DIFFRACTION' ? 
r_symmetry_metal_ion_other   ?      ?      ? ?   'X-RAY DIFFRACTION' ? 
r_mcbond_it                  1.263  1.500  ? 167 'X-RAY DIFFRACTION' ? 
r_mcbond_other               0.223  1.500  ? 73  'X-RAY DIFFRACTION' ? 
r_mcangle_it                 1.514  2.000  ? 249 'X-RAY DIFFRACTION' ? 
r_scbond_it                  2.484  3.000  ? 113 'X-RAY DIFFRACTION' ? 
r_scangle_it                 3.904  4.500  ? 98  'X-RAY DIFFRACTION' ? 
r_rigid_bond_restr           ?      ?      ? ?   'X-RAY DIFFRACTION' ? 
r_sphericity_free            ?      ?      ? ?   'X-RAY DIFFRACTION' ? 
r_sphericity_bonded          ?      ?      ? ?   'X-RAY DIFFRACTION' ? 
# 
_refine_ls_shell.pdbx_total_number_of_bins_used   20 
_refine_ls_shell.d_res_high                       1.800 
_refine_ls_shell.d_res_low                        1.847 
_refine_ls_shell.number_reflns_R_work             224 
_refine_ls_shell.R_factor_R_work                  0.262 
_refine_ls_shell.percent_reflns_obs               92.83 
_refine_ls_shell.R_factor_R_free                  0.357 
_refine_ls_shell.R_factor_R_free_error            ? 
_refine_ls_shell.percent_reflns_R_free            ? 
_refine_ls_shell.number_reflns_R_free             9 
_refine_ls_shell.number_reflns_all                ? 
_refine_ls_shell.R_factor_all                     ? 
_refine_ls_shell.number_reflns_obs                ? 
_refine_ls_shell.redundancy_reflns_obs            ? 
_refine_ls_shell.pdbx_refine_id                   'X-RAY DIFFRACTION' 
# 
_struct.entry_id                  3C3G 
_struct.title                     
'alpha/beta-Peptide helix bundles: The GCN4-pLI side chain sequence on an (alpha-alpha-beta) backbone' 
_struct.pdbx_model_details        ? 
_struct.pdbx_CASP_flag            ? 
_struct.pdbx_model_type_details   ? 
# 
_struct_keywords.entry_id        3C3G 
_struct_keywords.pdbx_keywords   'DE NOVO PROTEIN' 
_struct_keywords.text            'helix bundle, foldamer, alpha/beta-peptide, UNKNOWN FUNCTION, DE NOVO PROTEIN' 
# 
loop_
_struct_asym.id 
_struct_asym.pdbx_blank_PDB_chainid_flag 
_struct_asym.pdbx_modified 
_struct_asym.entity_id 
_struct_asym.details 
A N N 1 ? 
B N N 2 ? 
C N N 3 ? 
# 
_struct_ref.id                         1 
_struct_ref.db_name                    PDB 
_struct_ref.db_code                    3C3G 
_struct_ref.pdbx_db_accession          3C3G 
_struct_ref.entity_id                  1 
_struct_ref.pdbx_seq_one_letter_code   '(HMR)MK(B3Q)IE(B3D)KL(B3E)EI(B3L)SK(B3L)YH(BIL)EN(B3E)LA(HMR)IK(B3K)LL(BAL)ER' 
_struct_ref.pdbx_align_begin           1 
_struct_ref.pdbx_db_isoform            ? 
# 
_struct_ref_seq.align_id                      1 
_struct_ref_seq.ref_id                        1 
_struct_ref_seq.pdbx_PDB_id_code              3C3G 
_struct_ref_seq.pdbx_strand_id                A 
_struct_ref_seq.seq_align_beg                 1 
_struct_ref_seq.pdbx_seq_align_beg_ins_code   ? 
_struct_ref_seq.seq_align_end                 33 
_struct_ref_seq.pdbx_seq_align_end_ins_code   ? 
_struct_ref_seq.pdbx_db_accession             3C3G 
_struct_ref_seq.db_align_beg                  1 
_struct_ref_seq.pdbx_db_align_beg_ins_code    ? 
_struct_ref_seq.db_align_end                  33 
_struct_ref_seq.pdbx_db_align_end_ins_code    ? 
_struct_ref_seq.pdbx_auth_seq_align_beg       1 
_struct_ref_seq.pdbx_auth_seq_align_end       33 
# 
_pdbx_struct_assembly.id                   1 
_pdbx_struct_assembly.details              author_and_software_defined_assembly 
_pdbx_struct_assembly.method_details       PISA 
_pdbx_struct_assembly.oligomeric_details   tetrameric 
_pdbx_struct_assembly.oligomeric_count     4 
# 
loop_
_pdbx_struct_assembly_prop.biol_id 
_pdbx_struct_assembly_prop.type 
_pdbx_struct_assembly_prop.value 
_pdbx_struct_assembly_prop.details 
1 'ABSA (A^2)' 5510 ? 
1 MORE         -53  ? 
1 'SSA (A^2)'  7510 ? 
# 
_pdbx_struct_assembly_gen.assembly_id       1 
_pdbx_struct_assembly_gen.oper_expression   1,2,3,4 
_pdbx_struct_assembly_gen.asym_id_list      A,B,C 
# 
loop_
_pdbx_struct_oper_list.id 
_pdbx_struct_oper_list.type 
_pdbx_struct_oper_list.name 
_pdbx_struct_oper_list.symmetry_operation 
_pdbx_struct_oper_list.matrix[1][1] 
_pdbx_struct_oper_list.matrix[1][2] 
_pdbx_struct_oper_list.matrix[1][3] 
_pdbx_struct_oper_list.vector[1] 
_pdbx_struct_oper_list.matrix[2][1] 
_pdbx_struct_oper_list.matrix[2][2] 
_pdbx_struct_oper_list.matrix[2][3] 
_pdbx_struct_oper_list.vector[2] 
_pdbx_struct_oper_list.matrix[3][1] 
_pdbx_struct_oper_list.matrix[3][2] 
_pdbx_struct_oper_list.matrix[3][3] 
_pdbx_struct_oper_list.vector[3] 
1 'identity operation'         1_555 x,y,z          1.0000000000 0.0000000000  0.0000000000  0.0000000000 0.0000000000  1.0000000000  0.0000000000  0.0000000000  0.0000000000  0.0000000000  1.0000000000  0.0000000000   
2 'crystal symmetry operation' 2_655 -x+1,-y,z      0.8967740904 -0.3702082541 0.2423676534  2.9717244042 -0.3702082541 -0.9277435557 -0.0473047931 6.9534460783  0.2423676534  -0.0473047931 -0.9690305347 -12.6356247551 
3 'crystal symmetry operation' 3_545 -y+1/2,x-1/2,z 0.9483870452 -0.3095417928 -0.0688904276 0.7176440251 -0.0606664613 0.0361282221  -0.9975040511 -2.8607862223 0.3112580810  0.9501992581  0.0154847327  -9.9860490119  
4 'crystal symmetry operation' 4_555 y+1/2,-x+1/2,z 0.9483870452 -0.0606664613 0.3112580810  2.2540803791 -0.3095417928 0.0361282221  0.9501992581  9.8142323006  -0.0688904276 -0.9975040511 0.0154847327  -2.6495757432 
# 
_struct_biol.id        1 
_struct_biol.details   ? 
# 
_struct_conf.conf_type_id            HELX_P 
_struct_conf.id                      HELX_P1 
_struct_conf.pdbx_PDB_helix_id       1 
_struct_conf.beg_label_comp_id       HMR 
_struct_conf.beg_label_asym_id       A 
_struct_conf.beg_label_seq_id        1 
_struct_conf.pdbx_beg_PDB_ins_code   ? 
_struct_conf.end_label_comp_id       BAL 
_struct_conf.end_label_asym_id       A 
_struct_conf.end_label_seq_id        31 
_struct_conf.pdbx_end_PDB_ins_code   ? 
_struct_conf.beg_auth_comp_id        HMR 
_struct_conf.beg_auth_asym_id        A 
_struct_conf.beg_auth_seq_id         1 
_struct_conf.end_auth_comp_id        BAL 
_struct_conf.end_auth_asym_id        A 
_struct_conf.end_auth_seq_id         31 
_struct_conf.pdbx_PDB_helix_class    1 
_struct_conf.details                 ? 
_struct_conf.pdbx_PDB_helix_length   31 
# 
_struct_conf_type.id          HELX_P 
_struct_conf_type.criteria    ? 
_struct_conf_type.reference   ? 
# 
loop_
_struct_conn.id 
_struct_conn.conn_type_id 
_struct_conn.pdbx_leaving_atom_flag 
_struct_conn.pdbx_PDB_id 
_struct_conn.ptnr1_label_asym_id 
_struct_conn.ptnr1_label_comp_id 
_struct_conn.ptnr1_label_seq_id 
_struct_conn.ptnr1_label_atom_id 
_struct_conn.pdbx_ptnr1_label_alt_id 
_struct_conn.pdbx_ptnr1_PDB_ins_code 
_struct_conn.pdbx_ptnr1_standard_comp_id 
_struct_conn.ptnr1_symmetry 
_struct_conn.ptnr2_label_asym_id 
_struct_conn.ptnr2_label_comp_id 
_struct_conn.ptnr2_label_seq_id 
_struct_conn.ptnr2_label_atom_id 
_struct_conn.pdbx_ptnr2_label_alt_id 
_struct_conn.pdbx_ptnr2_PDB_ins_code 
_struct_conn.ptnr1_auth_asym_id 
_struct_conn.ptnr1_auth_comp_id 
_struct_conn.ptnr1_auth_seq_id 
_struct_conn.ptnr2_auth_asym_id 
_struct_conn.ptnr2_auth_comp_id 
_struct_conn.ptnr2_auth_seq_id 
_struct_conn.ptnr2_symmetry 
_struct_conn.pdbx_ptnr3_label_atom_id 
_struct_conn.pdbx_ptnr3_label_seq_id 
_struct_conn.pdbx_ptnr3_label_comp_id 
_struct_conn.pdbx_ptnr3_label_asym_id 
_struct_conn.pdbx_ptnr3_label_alt_id 
_struct_conn.pdbx_ptnr3_PDB_ins_code 
_struct_conn.details 
_struct_conn.pdbx_dist_value 
_struct_conn.pdbx_value_order 
_struct_conn.pdbx_role 
covale1  covale both ? A HMR 1  C ? ? ? 1_555 A MET 2  N ? ? A HMR 1  A MET 2  1_555 ? ? ? ? ? ? ? 1.331 ? ? 
covale2  covale both ? A LYS 3  C ? ? ? 1_555 A B3Q 4  N ? ? A LYS 3  A B3Q 4  1_555 ? ? ? ? ? ? ? 1.312 ? ? 
covale3  covale both ? A B3Q 4  C ? ? ? 1_555 A ILE 5  N ? ? A B3Q 4  A ILE 5  1_555 ? ? ? ? ? ? ? 1.333 ? ? 
covale4  covale both ? A GLU 6  C ? ? ? 1_555 A B3D 7  N ? ? A GLU 6  A B3D 7  1_555 ? ? ? ? ? ? ? 1.338 ? ? 
covale5  covale both ? A B3D 7  C ? ? ? 1_555 A LYS 8  N ? ? A B3D 7  A LYS 8  1_555 ? ? ? ? ? ? ? 1.335 ? ? 
covale6  covale both ? A LEU 9  C ? ? ? 1_555 A B3E 10 N ? ? A LEU 9  A B3E 10 1_555 ? ? ? ? ? ? ? 1.334 ? ? 
covale7  covale both ? A B3E 10 C ? ? ? 1_555 A GLU 11 N ? ? A B3E 10 A GLU 11 1_555 ? ? ? ? ? ? ? 1.318 ? ? 
covale8  covale both ? A ILE 12 C ? ? ? 1_555 A B3L 13 N ? ? A ILE 12 A B3L 13 1_555 ? ? ? ? ? ? ? 1.320 ? ? 
covale9  covale both ? A B3L 13 C ? ? ? 1_555 A SER 14 N ? ? A B3L 13 A SER 14 1_555 ? ? ? ? ? ? ? 1.331 ? ? 
covale10 covale both ? A LYS 15 C ? ? ? 1_555 A B3L 16 N ? ? A LYS 15 A B3L 16 1_555 ? ? ? ? ? ? ? 1.320 ? ? 
covale11 covale both ? A B3L 16 C ? ? ? 1_555 A TYR 17 N ? ? A B3L 16 A TYR 17 1_555 ? ? ? ? ? ? ? 1.325 ? ? 
covale12 covale both ? A HIS 18 C ? ? ? 1_555 A BIL 19 N ? ? A HIS 18 A BIL 19 1_555 ? ? ? ? ? ? ? 1.325 ? ? 
covale13 covale both ? A BIL 19 C ? ? ? 1_555 A GLU 20 N ? ? A BIL 19 A GLU 20 1_555 ? ? ? ? ? ? ? 1.313 ? ? 
covale14 covale both ? A ASN 21 C ? ? ? 1_555 A B3E 22 N ? ? A ASN 21 A B3E 22 1_555 ? ? ? ? ? ? ? 1.307 ? ? 
covale15 covale both ? A B3E 22 C ? ? ? 1_555 A LEU 23 N ? ? A B3E 22 A LEU 23 1_555 ? ? ? ? ? ? ? 1.314 ? ? 
covale16 covale both ? A ALA 24 C ? ? ? 1_555 A HMR 25 N ? ? A ALA 24 A HMR 25 1_555 ? ? ? ? ? ? ? 1.309 ? ? 
covale17 covale both ? A HMR 25 C ? ? ? 1_555 A ILE 26 N ? ? A HMR 25 A ILE 26 1_555 ? ? ? ? ? ? ? 1.318 ? ? 
covale18 covale both ? A LYS 27 C ? ? ? 1_555 A B3K 28 N ? ? A LYS 27 A B3K 28 1_555 ? ? ? ? ? ? ? 1.327 ? ? 
covale19 covale both ? A B3K 28 C ? ? ? 1_555 A LEU 29 N ? ? A B3K 28 A LEU 29 1_555 ? ? ? ? ? ? ? 1.333 ? ? 
covale20 covale both ? A LEU 30 C ? ? ? 1_555 A BAL 31 N ? ? A LEU 30 A BAL 31 1_555 ? ? ? ? ? ? ? 1.345 ? ? 
# 
_struct_conn_type.id          covale 
_struct_conn_type.criteria    ? 
_struct_conn_type.reference   ? 
# 
_struct_site.id                   AC8 
_struct_site.pdbx_evidence_code   Software 
_struct_site.pdbx_auth_asym_id    A 
_struct_site.pdbx_auth_comp_id    GOL 
_struct_site.pdbx_auth_seq_id     34 
_struct_site.pdbx_auth_ins_code   ? 
_struct_site.pdbx_num_residues    7 
_struct_site.details              'BINDING SITE FOR RESIDUE GOL A 34' 
# 
loop_
_struct_site_gen.id 
_struct_site_gen.site_id 
_struct_site_gen.pdbx_num_res 
_struct_site_gen.label_comp_id 
_struct_site_gen.label_asym_id 
_struct_site_gen.label_seq_id 
_struct_site_gen.pdbx_auth_ins_code 
_struct_site_gen.auth_comp_id 
_struct_site_gen.auth_asym_id 
_struct_site_gen.auth_seq_id 
_struct_site_gen.label_atom_id 
_struct_site_gen.label_alt_id 
_struct_site_gen.symmetry 
_struct_site_gen.details 
1 AC8 7 SER A 14 ? SER A 14 . ? 1_555 ? 
2 AC8 7 LYS A 15 ? LYS A 15 . ? 1_555 ? 
3 AC8 7 HIS A 18 ? HIS A 18 . ? 1_555 ? 
4 AC8 7 HOH C .  ? HOH A 41 . ? 4_555 ? 
5 AC8 7 HOH C .  ? HOH A 45 . ? 1_555 ? 
6 AC8 7 HOH C .  ? HOH A 64 . ? 1_555 ? 
7 AC8 7 HOH C .  ? HOH A 83 . ? 1_555 ? 
# 
loop_
_pdbx_validate_close_contact.id 
_pdbx_validate_close_contact.PDB_model_num 
_pdbx_validate_close_contact.auth_atom_id_1 
_pdbx_validate_close_contact.auth_asym_id_1 
_pdbx_validate_close_contact.auth_comp_id_1 
_pdbx_validate_close_contact.auth_seq_id_1 
_pdbx_validate_close_contact.PDB_ins_code_1 
_pdbx_validate_close_contact.label_alt_id_1 
_pdbx_validate_close_contact.auth_atom_id_2 
_pdbx_validate_close_contact.auth_asym_id_2 
_pdbx_validate_close_contact.auth_comp_id_2 
_pdbx_validate_close_contact.auth_seq_id_2 
_pdbx_validate_close_contact.PDB_ins_code_2 
_pdbx_validate_close_contact.label_alt_id_2 
_pdbx_validate_close_contact.dist 
1 1 HZ3 A LYS 15 ? ? H31 A GOL 34 ? ? 1.09 
2 1 HD1 A HIS 18 ? ? OF1 A B3E 22 ? ? 1.48 
# 
_pdbx_validate_rmsd_angle.id                         1 
_pdbx_validate_rmsd_angle.PDB_model_num              1 
_pdbx_validate_rmsd_angle.auth_atom_id_1             C 
_pdbx_validate_rmsd_angle.auth_asym_id_1             A 
_pdbx_validate_rmsd_angle.auth_comp_id_1             ALA 
_pdbx_validate_rmsd_angle.auth_seq_id_1              24 
_pdbx_validate_rmsd_angle.PDB_ins_code_1             ? 
_pdbx_validate_rmsd_angle.label_alt_id_1             ? 
_pdbx_validate_rmsd_angle.auth_atom_id_2             N 
_pdbx_validate_rmsd_angle.auth_asym_id_2             A 
_pdbx_validate_rmsd_angle.auth_comp_id_2             HMR 
_pdbx_validate_rmsd_angle.auth_seq_id_2              25 
_pdbx_validate_rmsd_angle.PDB_ins_code_2             ? 
_pdbx_validate_rmsd_angle.label_alt_id_2             ? 
_pdbx_validate_rmsd_angle.auth_atom_id_3             CA 
_pdbx_validate_rmsd_angle.auth_asym_id_3             A 
_pdbx_validate_rmsd_angle.auth_comp_id_3             HMR 
_pdbx_validate_rmsd_angle.auth_seq_id_3              25 
_pdbx_validate_rmsd_angle.PDB_ins_code_3             ? 
_pdbx_validate_rmsd_angle.label_alt_id_3             ? 
_pdbx_validate_rmsd_angle.angle_value                137.00 
_pdbx_validate_rmsd_angle.angle_target_value         121.70 
_pdbx_validate_rmsd_angle.angle_deviation            15.30 
_pdbx_validate_rmsd_angle.angle_standard_deviation   2.50 
_pdbx_validate_rmsd_angle.linker_flag                Y 
# 
loop_
_pdbx_validate_torsion.id 
_pdbx_validate_torsion.PDB_model_num 
_pdbx_validate_torsion.auth_comp_id 
_pdbx_validate_torsion.auth_asym_id 
_pdbx_validate_torsion.auth_seq_id 
_pdbx_validate_torsion.PDB_ins_code 
_pdbx_validate_torsion.label_alt_id 
_pdbx_validate_torsion.phi 
_pdbx_validate_torsion.psi 
1 1 BIL A 19 ? ? -15.87 -81.63 
2 1 HMR A 25 ? ? -20.73 -66.41 
# 
loop_
_pdbx_validate_peptide_omega.id 
_pdbx_validate_peptide_omega.PDB_model_num 
_pdbx_validate_peptide_omega.auth_comp_id_1 
_pdbx_validate_peptide_omega.auth_asym_id_1 
_pdbx_validate_peptide_omega.auth_seq_id_1 
_pdbx_validate_peptide_omega.PDB_ins_code_1 
_pdbx_validate_peptide_omega.label_alt_id_1 
_pdbx_validate_peptide_omega.auth_comp_id_2 
_pdbx_validate_peptide_omega.auth_asym_id_2 
_pdbx_validate_peptide_omega.auth_seq_id_2 
_pdbx_validate_peptide_omega.PDB_ins_code_2 
_pdbx_validate_peptide_omega.label_alt_id_2 
_pdbx_validate_peptide_omega.omega 
1  1 B3Q A 4  ? ? ILE A 5  ? ? 147.29  
2  1 B3D A 7  ? ? LYS A 8  ? ? 143.87  
3  1 B3E A 10 ? ? GLU A 11 ? ? 147.00  
4  1 B3L A 13 ? ? SER A 14 ? A 148.99  
5  1 B3L A 13 ? ? SER A 14 ? B 149.09  
6  1 B3L A 16 ? ? TYR A 17 ? ? 145.62  
7  1 HIS A 18 ? ? BIL A 19 ? ? 136.99  
8  1 B3E A 22 ? ? LEU A 23 ? ? 144.83  
9  1 ALA A 24 ? ? HMR A 25 ? ? 137.76  
10 1 B3K A 28 ? ? LEU A 29 ? ? 145.91  
11 1 LEU A 30 ? ? BAL A 31 ? ? -137.09 
# 
loop_
_pdbx_validate_main_chain_plane.id 
_pdbx_validate_main_chain_plane.PDB_model_num 
_pdbx_validate_main_chain_plane.auth_comp_id 
_pdbx_validate_main_chain_plane.auth_asym_id 
_pdbx_validate_main_chain_plane.auth_seq_id 
_pdbx_validate_main_chain_plane.PDB_ins_code 
_pdbx_validate_main_chain_plane.label_alt_id 
_pdbx_validate_main_chain_plane.improper_torsion_angle 
1 1 B3Q A 4  ? ? -17.72 
2 1 B3D A 7  ? ? -17.86 
3 1 B3E A 10 ? ? -16.86 
4 1 B3L A 13 ? ? -15.94 
5 1 B3L A 16 ? ? -17.79 
6 1 B3E A 22 ? ? -18.78 
7 1 B3K A 28 ? ? -17.57 
# 
loop_
_pdbx_struct_mod_residue.id 
_pdbx_struct_mod_residue.label_asym_id 
_pdbx_struct_mod_residue.label_comp_id 
_pdbx_struct_mod_residue.label_seq_id 
_pdbx_struct_mod_residue.auth_asym_id 
_pdbx_struct_mod_residue.auth_comp_id 
_pdbx_struct_mod_residue.auth_seq_id 
_pdbx_struct_mod_residue.PDB_ins_code 
_pdbx_struct_mod_residue.parent_comp_id 
_pdbx_struct_mod_residue.details 
1 A HMR 1  A HMR 1  ? ARG BETA-HOMOARGININE                
2 A B3D 7  A B3D 7  ? ASP '3-AMINOPENTANEDIOIC ACID'       
3 A B3E 10 A B3E 10 ? GLU '(3S)-3-AMINOHEXANEDIOIC ACID'   
4 A B3E 22 A B3E 22 ? GLU '(3S)-3-AMINOHEXANEDIOIC ACID'   
5 A HMR 25 A HMR 25 ? ARG BETA-HOMOARGININE                
6 A B3K 28 A B3K 28 ? LYS '(3S)-3,7-DIAMINOHEPTANOIC ACID' 
7 A BAL 31 A BAL 31 ? ALA BETA-ALANINE                     
# 
_pdbx_struct_special_symmetry.id              1 
_pdbx_struct_special_symmetry.PDB_model_num   1 
_pdbx_struct_special_symmetry.auth_asym_id    A 
_pdbx_struct_special_symmetry.auth_comp_id    HOH 
_pdbx_struct_special_symmetry.auth_seq_id     79 
_pdbx_struct_special_symmetry.PDB_ins_code    ? 
_pdbx_struct_special_symmetry.label_asym_id   C 
_pdbx_struct_special_symmetry.label_comp_id   HOH 
_pdbx_struct_special_symmetry.label_seq_id    . 
# 
loop_
_pdbx_unobs_or_zero_occ_residues.id 
_pdbx_unobs_or_zero_occ_residues.PDB_model_num 
_pdbx_unobs_or_zero_occ_residues.polymer_flag 
_pdbx_unobs_or_zero_occ_residues.occupancy_flag 
_pdbx_unobs_or_zero_occ_residues.auth_asym_id 
_pdbx_unobs_or_zero_occ_residues.auth_comp_id 
_pdbx_unobs_or_zero_occ_residues.auth_seq_id 
_pdbx_unobs_or_zero_occ_residues.PDB_ins_code 
_pdbx_unobs_or_zero_occ_residues.label_asym_id 
_pdbx_unobs_or_zero_occ_residues.label_comp_id 
_pdbx_unobs_or_zero_occ_residues.label_seq_id 
1 1 Y 1 A GLU 32 ? A GLU 32 
2 1 Y 1 A ARG 33 ? A ARG 33 
# 
loop_
_chem_comp_atom.comp_id 
_chem_comp_atom.atom_id 
_chem_comp_atom.type_symbol 
_chem_comp_atom.pdbx_aromatic_flag 
_chem_comp_atom.pdbx_stereo_config 
_chem_comp_atom.pdbx_ordinal 
ALA N    N N N 1   
ALA CA   C N S 2   
ALA C    C N N 3   
ALA O    O N N 4   
ALA CB   C N N 5   
ALA OXT  O N N 6   
ALA H    H N N 7   
ALA H2   H N N 8   
ALA HA   H N N 9   
ALA HB1  H N N 10  
ALA HB2  H N N 11  
ALA HB3  H N N 12  
ALA HXT  H N N 13  
ARG N    N N N 14  
ARG CA   C N S 15  
ARG C    C N N 16  
ARG O    O N N 17  
ARG CB   C N N 18  
ARG CG   C N N 19  
ARG CD   C N N 20  
ARG NE   N N N 21  
ARG CZ   C N N 22  
ARG NH1  N N N 23  
ARG NH2  N N N 24  
ARG OXT  O N N 25  
ARG H    H N N 26  
ARG H2   H N N 27  
ARG HA   H N N 28  
ARG HB2  H N N 29  
ARG HB3  H N N 30  
ARG HG2  H N N 31  
ARG HG3  H N N 32  
ARG HD2  H N N 33  
ARG HD3  H N N 34  
ARG HE   H N N 35  
ARG HH11 H N N 36  
ARG HH12 H N N 37  
ARG HH21 H N N 38  
ARG HH22 H N N 39  
ARG HXT  H N N 40  
ASN N    N N N 41  
ASN CA   C N S 42  
ASN C    C N N 43  
ASN O    O N N 44  
ASN CB   C N N 45  
ASN CG   C N N 46  
ASN OD1  O N N 47  
ASN ND2  N N N 48  
ASN OXT  O N N 49  
ASN H    H N N 50  
ASN H2   H N N 51  
ASN HA   H N N 52  
ASN HB2  H N N 53  
ASN HB3  H N N 54  
ASN HD21 H N N 55  
ASN HD22 H N N 56  
ASN HXT  H N N 57  
B3D OE1  O N N 58  
B3D CD   C N N 59  
B3D OE2  O N N 60  
B3D CG   C N N 61  
B3D CA   C N N 62  
B3D N    N N N 63  
B3D CB   C N N 64  
B3D C    C N N 65  
B3D O    O N N 66  
B3D OXT  O N N 67  
B3D HE1  H N N 68  
B3D HG3  H N N 69  
B3D HG2  H N N 70  
B3D HA   H N N 71  
B3D H    H N N 72  
B3D H2   H N N 73  
B3D HB1  H N N 74  
B3D HB2  H N N 75  
B3D HXT  H N N 76  
B3E N    N N N 77  
B3E CA   C N S 78  
B3E CG   C N N 79  
B3E CD   C N N 80  
B3E CE   C N N 81  
B3E OF2  O N N 82  
B3E OF1  O N N 83  
B3E CB   C N N 84  
B3E C    C N N 85  
B3E O    O N N 86  
B3E OXT  O N N 87  
B3E H    H N N 88  
B3E H2   H N N 89  
B3E HA   H N N 90  
B3E HG2  H N N 91  
B3E HG3  H N N 92  
B3E HD2  H N N 93  
B3E HD3  H N N 94  
B3E HOF1 H N N 95  
B3E HB1  H N N 96  
B3E HB2  H N N 97  
B3E HXT  H N N 98  
B3K N    N N N 99  
B3K CA   C N S 100 
B3K CG   C N N 101 
B3K CD   C N N 102 
B3K CE   C N N 103 
B3K CF   C N N 104 
B3K NZ   N N N 105 
B3K CB   C N N 106 
B3K C    C N N 107 
B3K O    O N N 108 
B3K OXT  O N N 109 
B3K H    H N N 110 
B3K H2   H N N 111 
B3K HA   H N N 112 
B3K HG2  H N N 113 
B3K HG3  H N N 114 
B3K HD2  H N N 115 
B3K HD3  H N N 116 
B3K HE2  H N N 117 
B3K HE3  H N N 118 
B3K HF1  H N N 119 
B3K HF2  H N N 120 
B3K HNZ1 H N N 121 
B3K HNZ2 H N N 122 
B3K HB1  H N N 123 
B3K HB2  H N N 124 
B3K HXT  H N N 125 
B3L O    O N N 126 
B3L C    C N N 127 
B3L CB   C N N 128 
B3L CA   C N S 129 
B3L N    N N N 130 
B3L CG   C N N 131 
B3L CD   C N N 132 
B3L CE2  C N N 133 
B3L CE1  C N N 134 
B3L HB1  H N N 135 
B3L HB2  H N N 136 
B3L HA   H N N 137 
B3L H    H N N 138 
B3L HG   H N N 139 
B3L HGA  H N N 140 
B3L HD   H N N 141 
B3L H3E2 H N N 142 
B3L H2E2 H N N 143 
B3L H1E2 H N N 144 
B3L H3E1 H N N 145 
B3L H2E1 H N N 146 
B3L H1E1 H N N 147 
B3L OXT  O N N 148 
B3L H2   H N N 149 
B3L HXT  H N N 150 
B3Q N    N N N 151 
B3Q CA   C N S 152 
B3Q CG   C N N 153 
B3Q CB   C N N 154 
B3Q C    C N N 155 
B3Q O    O N N 156 
B3Q H    H N N 157 
B3Q HA   H N N 158 
B3Q HG   H N N 159 
B3Q HGA  H N N 160 
B3Q HB1  H N N 161 
B3Q HB2  H N N 162 
B3Q H2   H N N 163 
B3Q CD   C N N 164 
B3Q OXT  O N N 165 
B3Q CE   C N N 166 
B3Q H8   H N N 167 
B3Q H9   H N N 168 
B3Q HXT  H N N 169 
B3Q NF2  N N N 170 
B3Q OF1  O N N 171 
B3Q H11  H N N 172 
B3Q H12  H N N 173 
BAL N    N N N 174 
BAL CB   C N N 175 
BAL CA   C N N 176 
BAL C    C N N 177 
BAL O    O N N 178 
BAL OXT  O N N 179 
BAL H    H N N 180 
BAL H2   H N N 181 
BAL HB3  H N N 182 
BAL HB2  H N N 183 
BAL HA1  H N N 184 
BAL HA2  H N N 185 
BAL HXT  H N N 186 
BIL C    C N N 187 
BIL O    O N N 188 
BIL CA   C N N 189 
BIL CB   C N R 190 
BIL N    N N N 191 
BIL CG   C N S 192 
BIL CD2  C N N 193 
BIL CD1  C N N 194 
BIL CE1  C N N 195 
BIL HA   H N N 196 
BIL HAA  H N N 197 
BIL HB   H N N 198 
BIL H    H N N 199 
BIL HG   H N N 200 
BIL H3D2 H N N 201 
BIL H2D2 H N N 202 
BIL H1D2 H N N 203 
BIL H1D1 H N N 204 
BIL H2D1 H N N 205 
BIL H3E1 H N N 206 
BIL H2E1 H N N 207 
BIL H1E1 H N N 208 
BIL OXT  O N N 209 
BIL H2   H N N 210 
BIL HXT  H N N 211 
GLU N    N N N 212 
GLU CA   C N S 213 
GLU C    C N N 214 
GLU O    O N N 215 
GLU CB   C N N 216 
GLU CG   C N N 217 
GLU CD   C N N 218 
GLU OE1  O N N 219 
GLU OE2  O N N 220 
GLU OXT  O N N 221 
GLU H    H N N 222 
GLU H2   H N N 223 
GLU HA   H N N 224 
GLU HB2  H N N 225 
GLU HB3  H N N 226 
GLU HG2  H N N 227 
GLU HG3  H N N 228 
GLU HE2  H N N 229 
GLU HXT  H N N 230 
GOL C1   C N N 231 
GOL O1   O N N 232 
GOL C2   C N N 233 
GOL O2   O N N 234 
GOL C3   C N N 235 
GOL O3   O N N 236 
GOL H11  H N N 237 
GOL H12  H N N 238 
GOL HO1  H N N 239 
GOL H2   H N N 240 
GOL HO2  H N N 241 
GOL H31  H N N 242 
GOL H32  H N N 243 
GOL HO3  H N N 244 
HIS N    N N N 245 
HIS CA   C N S 246 
HIS C    C N N 247 
HIS O    O N N 248 
HIS CB   C N N 249 
HIS CG   C Y N 250 
HIS ND1  N Y N 251 
HIS CD2  C Y N 252 
HIS CE1  C Y N 253 
HIS NE2  N Y N 254 
HIS OXT  O N N 255 
HIS H    H N N 256 
HIS H2   H N N 257 
HIS HA   H N N 258 
HIS HB2  H N N 259 
HIS HB3  H N N 260 
HIS HD1  H N N 261 
HIS HD2  H N N 262 
HIS HE1  H N N 263 
HIS HE2  H N N 264 
HIS HXT  H N N 265 
HMR N    N N N 266 
HMR CB   C N S 267 
HMR CC   C N N 268 
HMR CG   C N N 269 
HMR CD   C N N 270 
HMR NE   N N N 271 
HMR CZ   C N N 272 
HMR NH1  N N N 273 
HMR NH2  N N N 274 
HMR C    C N N 275 
HMR O    O N N 276 
HMR CA   C N N 277 
HMR OXT  O N N 278 
HMR H    H N N 279 
HMR H2   H N N 280 
HMR HB   H N N 281 
HMR HB2  H N N 282 
HMR HB3  H N N 283 
HMR HG2  H N N 284 
HMR HG3  H N N 285 
HMR HD2  H N N 286 
HMR HD3  H N N 287 
HMR HE   H N N 288 
HMR HH1  H N N 289 
HMR HH21 H N N 290 
HMR HH22 H N N 291 
HMR HC1  H N N 292 
HMR HC2  H N N 293 
HMR HXT  H N N 294 
HOH O    O N N 295 
HOH H1   H N N 296 
HOH H2   H N N 297 
ILE N    N N N 298 
ILE CA   C N S 299 
ILE C    C N N 300 
ILE O    O N N 301 
ILE CB   C N S 302 
ILE CG1  C N N 303 
ILE CG2  C N N 304 
ILE CD1  C N N 305 
ILE OXT  O N N 306 
ILE H    H N N 307 
ILE H2   H N N 308 
ILE HA   H N N 309 
ILE HB   H N N 310 
ILE HG12 H N N 311 
ILE HG13 H N N 312 
ILE HG21 H N N 313 
ILE HG22 H N N 314 
ILE HG23 H N N 315 
ILE HD11 H N N 316 
ILE HD12 H N N 317 
ILE HD13 H N N 318 
ILE HXT  H N N 319 
LEU N    N N N 320 
LEU CA   C N S 321 
LEU C    C N N 322 
LEU O    O N N 323 
LEU CB   C N N 324 
LEU CG   C N N 325 
LEU CD1  C N N 326 
LEU CD2  C N N 327 
LEU OXT  O N N 328 
LEU H    H N N 329 
LEU H2   H N N 330 
LEU HA   H N N 331 
LEU HB2  H N N 332 
LEU HB3  H N N 333 
LEU HG   H N N 334 
LEU HD11 H N N 335 
LEU HD12 H N N 336 
LEU HD13 H N N 337 
LEU HD21 H N N 338 
LEU HD22 H N N 339 
LEU HD23 H N N 340 
LEU HXT  H N N 341 
LYS N    N N N 342 
LYS CA   C N S 343 
LYS C    C N N 344 
LYS O    O N N 345 
LYS CB   C N N 346 
LYS CG   C N N 347 
LYS CD   C N N 348 
LYS CE   C N N 349 
LYS NZ   N N N 350 
LYS OXT  O N N 351 
LYS H    H N N 352 
LYS H2   H N N 353 
LYS HA   H N N 354 
LYS HB2  H N N 355 
LYS HB3  H N N 356 
LYS HG2  H N N 357 
LYS HG3  H N N 358 
LYS HD2  H N N 359 
LYS HD3  H N N 360 
LYS HE2  H N N 361 
LYS HE3  H N N 362 
LYS HZ1  H N N 363 
LYS HZ2  H N N 364 
LYS HZ3  H N N 365 
LYS HXT  H N N 366 
MET N    N N N 367 
MET CA   C N S 368 
MET C    C N N 369 
MET O    O N N 370 
MET CB   C N N 371 
MET CG   C N N 372 
MET SD   S N N 373 
MET CE   C N N 374 
MET OXT  O N N 375 
MET H    H N N 376 
MET H2   H N N 377 
MET HA   H N N 378 
MET HB2  H N N 379 
MET HB3  H N N 380 
MET HG2  H N N 381 
MET HG3  H N N 382 
MET HE1  H N N 383 
MET HE2  H N N 384 
MET HE3  H N N 385 
MET HXT  H N N 386 
SER N    N N N 387 
SER CA   C N S 388 
SER C    C N N 389 
SER O    O N N 390 
SER CB   C N N 391 
SER OG   O N N 392 
SER OXT  O N N 393 
SER H    H N N 394 
SER H2   H N N 395 
SER HA   H N N 396 
SER HB2  H N N 397 
SER HB3  H N N 398 
SER HG   H N N 399 
SER HXT  H N N 400 
TYR N    N N N 401 
TYR CA   C N S 402 
TYR C    C N N 403 
TYR O    O N N 404 
TYR CB   C N N 405 
TYR CG   C Y N 406 
TYR CD1  C Y N 407 
TYR CD2  C Y N 408 
TYR CE1  C Y N 409 
TYR CE2  C Y N 410 
TYR CZ   C Y N 411 
TYR OH   O N N 412 
TYR OXT  O N N 413 
TYR H    H N N 414 
TYR H2   H N N 415 
TYR HA   H N N 416 
TYR HB2  H N N 417 
TYR HB3  H N N 418 
TYR HD1  H N N 419 
TYR HD2  H N N 420 
TYR HE1  H N N 421 
TYR HE2  H N N 422 
TYR HH   H N N 423 
TYR HXT  H N N 424 
# 
loop_
_chem_comp_bond.comp_id 
_chem_comp_bond.atom_id_1 
_chem_comp_bond.atom_id_2 
_chem_comp_bond.value_order 
_chem_comp_bond.pdbx_aromatic_flag 
_chem_comp_bond.pdbx_stereo_config 
_chem_comp_bond.pdbx_ordinal 
ALA N    CA   sing N N 1   
ALA N    H    sing N N 2   
ALA N    H2   sing N N 3   
ALA CA   C    sing N N 4   
ALA CA   CB   sing N N 5   
ALA CA   HA   sing N N 6   
ALA C    O    doub N N 7   
ALA C    OXT  sing N N 8   
ALA CB   HB1  sing N N 9   
ALA CB   HB2  sing N N 10  
ALA CB   HB3  sing N N 11  
ALA OXT  HXT  sing N N 12  
ARG N    CA   sing N N 13  
ARG N    H    sing N N 14  
ARG N    H2   sing N N 15  
ARG CA   C    sing N N 16  
ARG CA   CB   sing N N 17  
ARG CA   HA   sing N N 18  
ARG C    O    doub N N 19  
ARG C    OXT  sing N N 20  
ARG CB   CG   sing N N 21  
ARG CB   HB2  sing N N 22  
ARG CB   HB3  sing N N 23  
ARG CG   CD   sing N N 24  
ARG CG   HG2  sing N N 25  
ARG CG   HG3  sing N N 26  
ARG CD   NE   sing N N 27  
ARG CD   HD2  sing N N 28  
ARG CD   HD3  sing N N 29  
ARG NE   CZ   sing N N 30  
ARG NE   HE   sing N N 31  
ARG CZ   NH1  sing N N 32  
ARG CZ   NH2  doub N N 33  
ARG NH1  HH11 sing N N 34  
ARG NH1  HH12 sing N N 35  
ARG NH2  HH21 sing N N 36  
ARG NH2  HH22 sing N N 37  
ARG OXT  HXT  sing N N 38  
ASN N    CA   sing N N 39  
ASN N    H    sing N N 40  
ASN N    H2   sing N N 41  
ASN CA   C    sing N N 42  
ASN CA   CB   sing N N 43  
ASN CA   HA   sing N N 44  
ASN C    O    doub N N 45  
ASN C    OXT  sing N N 46  
ASN CB   CG   sing N N 47  
ASN CB   HB2  sing N N 48  
ASN CB   HB3  sing N N 49  
ASN CG   OD1  doub N N 50  
ASN CG   ND2  sing N N 51  
ASN ND2  HD21 sing N N 52  
ASN ND2  HD22 sing N N 53  
ASN OXT  HXT  sing N N 54  
B3D OE1  CD   sing N N 55  
B3D OE1  HE1  sing N N 56  
B3D CD   OE2  doub N N 57  
B3D CD   CG   sing N N 58  
B3D CG   CA   sing N N 59  
B3D CG   HG3  sing N N 60  
B3D CG   HG2  sing N N 61  
B3D CA   N    sing N N 62  
B3D CA   CB   sing N N 63  
B3D CA   HA   sing N N 64  
B3D N    H    sing N N 65  
B3D N    H2   sing N N 66  
B3D CB   C    sing N N 67  
B3D CB   HB1  sing N N 68  
B3D CB   HB2  sing N N 69  
B3D C    OXT  sing N N 70  
B3D C    O    doub N N 71  
B3D OXT  HXT  sing N N 72  
B3E N    CA   sing N N 73  
B3E N    H    sing N N 74  
B3E N    H2   sing N N 75  
B3E CA   CG   sing N N 76  
B3E CA   CB   sing N N 77  
B3E CA   HA   sing N N 78  
B3E CG   CD   sing N N 79  
B3E CG   HG2  sing N N 80  
B3E CG   HG3  sing N N 81  
B3E CD   CE   sing N N 82  
B3E CD   HD2  sing N N 83  
B3E CD   HD3  sing N N 84  
B3E CE   OF2  doub N N 85  
B3E CE   OF1  sing N N 86  
B3E OF1  HOF1 sing N N 87  
B3E CB   C    sing N N 88  
B3E CB   HB1  sing N N 89  
B3E CB   HB2  sing N N 90  
B3E C    OXT  sing N N 91  
B3E C    O    doub N N 92  
B3E OXT  HXT  sing N N 93  
B3K N    CA   sing N N 94  
B3K N    H    sing N N 95  
B3K N    H2   sing N N 96  
B3K CA   CG   sing N N 97  
B3K CA   CB   sing N N 98  
B3K CA   HA   sing N N 99  
B3K CG   CD   sing N N 100 
B3K CG   HG2  sing N N 101 
B3K CG   HG3  sing N N 102 
B3K CD   CE   sing N N 103 
B3K CD   HD2  sing N N 104 
B3K CD   HD3  sing N N 105 
B3K CE   CF   sing N N 106 
B3K CE   HE2  sing N N 107 
B3K CE   HE3  sing N N 108 
B3K CF   NZ   sing N N 109 
B3K CF   HF1  sing N N 110 
B3K CF   HF2  sing N N 111 
B3K NZ   HNZ1 sing N N 112 
B3K NZ   HNZ2 sing N N 113 
B3K CB   C    sing N N 114 
B3K CB   HB1  sing N N 115 
B3K CB   HB2  sing N N 116 
B3K C    OXT  sing N N 117 
B3K C    O    doub N N 118 
B3K OXT  HXT  sing N N 119 
B3L C    O    doub N N 120 
B3L C    OXT  sing N N 121 
B3L CB   C    sing N N 122 
B3L CA   CB   sing N N 123 
B3L CA   HA   sing N N 124 
B3L N    CA   sing N N 125 
B3L N    H2   sing N N 126 
B3L CG   CA   sing N N 127 
B3L CG   HG   sing N N 128 
B3L CD   CG   sing N N 129 
B3L CD   CE1  sing N N 130 
B3L CE2  CD   sing N N 131 
B3L CE2  H1E2 sing N N 132 
B3L CE1  H1E1 sing N N 133 
B3L CE1  H3E1 sing N N 134 
B3L HB1  CB   sing N N 135 
B3L HB2  CB   sing N N 136 
B3L H    N    sing N N 137 
B3L HGA  CG   sing N N 138 
B3L HD   CD   sing N N 139 
B3L H3E2 CE2  sing N N 140 
B3L H2E2 CE2  sing N N 141 
B3L H2E1 CE1  sing N N 142 
B3L OXT  HXT  sing N N 143 
B3Q N    H    sing N N 144 
B3Q N    H2   sing N N 145 
B3Q CA   N    sing N N 146 
B3Q CA   CG   sing N N 147 
B3Q CG   HG   sing N N 148 
B3Q CG   HGA  sing N N 149 
B3Q CG   CD   sing N N 150 
B3Q CB   CA   sing N N 151 
B3Q CB   HB1  sing N N 152 
B3Q C    CB   sing N N 153 
B3Q C    OXT  sing N N 154 
B3Q O    C    doub N N 155 
B3Q HA   CA   sing N N 156 
B3Q HB2  CB   sing N N 157 
B3Q CD   CE   sing N N 158 
B3Q CD   H8   sing N N 159 
B3Q CD   H9   sing N N 160 
B3Q OXT  HXT  sing N N 161 
B3Q CE   NF2  sing N N 162 
B3Q CE   OF1  doub N N 163 
B3Q NF2  H11  sing N N 164 
B3Q NF2  H12  sing N N 165 
BAL N    CB   sing N N 166 
BAL N    H    sing N N 167 
BAL N    H2   sing N N 168 
BAL CB   CA   sing N N 169 
BAL CB   HB3  sing N N 170 
BAL CB   HB2  sing N N 171 
BAL CA   C    sing N N 172 
BAL CA   HA1  sing N N 173 
BAL CA   HA2  sing N N 174 
BAL C    O    doub N N 175 
BAL C    OXT  sing N N 176 
BAL OXT  HXT  sing N N 177 
BIL C    O    doub N N 178 
BIL C    OXT  sing N N 179 
BIL CA   C    sing N N 180 
BIL CA   CB   sing N N 181 
BIL CA   HA   sing N N 182 
BIL CB   HB   sing N N 183 
BIL N    CB   sing N N 184 
BIL N    H2   sing N N 185 
BIL CG   CB   sing N N 186 
BIL CG   CD1  sing N N 187 
BIL CG   CD2  sing N N 188 
BIL CD2  H1D2 sing N N 189 
BIL CD2  H3D2 sing N N 190 
BIL CD1  CE1  sing N N 191 
BIL CE1  H2E1 sing N N 192 
BIL CE1  H3E1 sing N N 193 
BIL HAA  CA   sing N N 194 
BIL H    N    sing N N 195 
BIL HG   CG   sing N N 196 
BIL H2D2 CD2  sing N N 197 
BIL H1D1 CD1  sing N N 198 
BIL H2D1 CD1  sing N N 199 
BIL H1E1 CE1  sing N N 200 
BIL OXT  HXT  sing N N 201 
GLU N    CA   sing N N 202 
GLU N    H    sing N N 203 
GLU N    H2   sing N N 204 
GLU CA   C    sing N N 205 
GLU CA   CB   sing N N 206 
GLU CA   HA   sing N N 207 
GLU C    O    doub N N 208 
GLU C    OXT  sing N N 209 
GLU CB   CG   sing N N 210 
GLU CB   HB2  sing N N 211 
GLU CB   HB3  sing N N 212 
GLU CG   CD   sing N N 213 
GLU CG   HG2  sing N N 214 
GLU CG   HG3  sing N N 215 
GLU CD   OE1  doub N N 216 
GLU CD   OE2  sing N N 217 
GLU OE2  HE2  sing N N 218 
GLU OXT  HXT  sing N N 219 
GOL C1   O1   sing N N 220 
GOL C1   C2   sing N N 221 
GOL C1   H11  sing N N 222 
GOL C1   H12  sing N N 223 
GOL O1   HO1  sing N N 224 
GOL C2   O2   sing N N 225 
GOL C2   C3   sing N N 226 
GOL C2   H2   sing N N 227 
GOL O2   HO2  sing N N 228 
GOL C3   O3   sing N N 229 
GOL C3   H31  sing N N 230 
GOL C3   H32  sing N N 231 
GOL O3   HO3  sing N N 232 
HIS N    CA   sing N N 233 
HIS N    H    sing N N 234 
HIS N    H2   sing N N 235 
HIS CA   C    sing N N 236 
HIS CA   CB   sing N N 237 
HIS CA   HA   sing N N 238 
HIS C    O    doub N N 239 
HIS C    OXT  sing N N 240 
HIS CB   CG   sing N N 241 
HIS CB   HB2  sing N N 242 
HIS CB   HB3  sing N N 243 
HIS CG   ND1  sing Y N 244 
HIS CG   CD2  doub Y N 245 
HIS ND1  CE1  doub Y N 246 
HIS ND1  HD1  sing N N 247 
HIS CD2  NE2  sing Y N 248 
HIS CD2  HD2  sing N N 249 
HIS CE1  NE2  sing Y N 250 
HIS CE1  HE1  sing N N 251 
HIS NE2  HE2  sing N N 252 
HIS OXT  HXT  sing N N 253 
HMR N    CB   sing N N 254 
HMR N    H    sing N N 255 
HMR N    H2   sing N N 256 
HMR CB   CC   sing N N 257 
HMR CB   CA   sing N N 258 
HMR CB   HB   sing N N 259 
HMR CC   CG   sing N N 260 
HMR CC   HB2  sing N N 261 
HMR CC   HB3  sing N N 262 
HMR CG   CD   sing N N 263 
HMR CG   HG2  sing N N 264 
HMR CG   HG3  sing N N 265 
HMR CD   NE   sing N N 266 
HMR CD   HD2  sing N N 267 
HMR CD   HD3  sing N N 268 
HMR NE   CZ   sing N N 269 
HMR NE   HE   sing N N 270 
HMR CZ   NH1  doub N N 271 
HMR CZ   NH2  sing N N 272 
HMR NH1  HH1  sing N N 273 
HMR NH2  HH21 sing N N 274 
HMR NH2  HH22 sing N N 275 
HMR C    O    doub N N 276 
HMR C    CA   sing N N 277 
HMR C    OXT  sing N N 278 
HMR CA   HC1  sing N N 279 
HMR CA   HC2  sing N N 280 
HMR OXT  HXT  sing N N 281 
HOH O    H1   sing N N 282 
HOH O    H2   sing N N 283 
ILE N    CA   sing N N 284 
ILE N    H    sing N N 285 
ILE N    H2   sing N N 286 
ILE CA   C    sing N N 287 
ILE CA   CB   sing N N 288 
ILE CA   HA   sing N N 289 
ILE C    O    doub N N 290 
ILE C    OXT  sing N N 291 
ILE CB   CG1  sing N N 292 
ILE CB   CG2  sing N N 293 
ILE CB   HB   sing N N 294 
ILE CG1  CD1  sing N N 295 
ILE CG1  HG12 sing N N 296 
ILE CG1  HG13 sing N N 297 
ILE CG2  HG21 sing N N 298 
ILE CG2  HG22 sing N N 299 
ILE CG2  HG23 sing N N 300 
ILE CD1  HD11 sing N N 301 
ILE CD1  HD12 sing N N 302 
ILE CD1  HD13 sing N N 303 
ILE OXT  HXT  sing N N 304 
LEU N    CA   sing N N 305 
LEU N    H    sing N N 306 
LEU N    H2   sing N N 307 
LEU CA   C    sing N N 308 
LEU CA   CB   sing N N 309 
LEU CA   HA   sing N N 310 
LEU C    O    doub N N 311 
LEU C    OXT  sing N N 312 
LEU CB   CG   sing N N 313 
LEU CB   HB2  sing N N 314 
LEU CB   HB3  sing N N 315 
LEU CG   CD1  sing N N 316 
LEU CG   CD2  sing N N 317 
LEU CG   HG   sing N N 318 
LEU CD1  HD11 sing N N 319 
LEU CD1  HD12 sing N N 320 
LEU CD1  HD13 sing N N 321 
LEU CD2  HD21 sing N N 322 
LEU CD2  HD22 sing N N 323 
LEU CD2  HD23 sing N N 324 
LEU OXT  HXT  sing N N 325 
LYS N    CA   sing N N 326 
LYS N    H    sing N N 327 
LYS N    H2   sing N N 328 
LYS CA   C    sing N N 329 
LYS CA   CB   sing N N 330 
LYS CA   HA   sing N N 331 
LYS C    O    doub N N 332 
LYS C    OXT  sing N N 333 
LYS CB   CG   sing N N 334 
LYS CB   HB2  sing N N 335 
LYS CB   HB3  sing N N 336 
LYS CG   CD   sing N N 337 
LYS CG   HG2  sing N N 338 
LYS CG   HG3  sing N N 339 
LYS CD   CE   sing N N 340 
LYS CD   HD2  sing N N 341 
LYS CD   HD3  sing N N 342 
LYS CE   NZ   sing N N 343 
LYS CE   HE2  sing N N 344 
LYS CE   HE3  sing N N 345 
LYS NZ   HZ1  sing N N 346 
LYS NZ   HZ2  sing N N 347 
LYS NZ   HZ3  sing N N 348 
LYS OXT  HXT  sing N N 349 
MET N    CA   sing N N 350 
MET N    H    sing N N 351 
MET N    H2   sing N N 352 
MET CA   C    sing N N 353 
MET CA   CB   sing N N 354 
MET CA   HA   sing N N 355 
MET C    O    doub N N 356 
MET C    OXT  sing N N 357 
MET CB   CG   sing N N 358 
MET CB   HB2  sing N N 359 
MET CB   HB3  sing N N 360 
MET CG   SD   sing N N 361 
MET CG   HG2  sing N N 362 
MET CG   HG3  sing N N 363 
MET SD   CE   sing N N 364 
MET CE   HE1  sing N N 365 
MET CE   HE2  sing N N 366 
MET CE   HE3  sing N N 367 
MET OXT  HXT  sing N N 368 
SER N    CA   sing N N 369 
SER N    H    sing N N 370 
SER N    H2   sing N N 371 
SER CA   C    sing N N 372 
SER CA   CB   sing N N 373 
SER CA   HA   sing N N 374 
SER C    O    doub N N 375 
SER C    OXT  sing N N 376 
SER CB   OG   sing N N 377 
SER CB   HB2  sing N N 378 
SER CB   HB3  sing N N 379 
SER OG   HG   sing N N 380 
SER OXT  HXT  sing N N 381 
TYR N    CA   sing N N 382 
TYR N    H    sing N N 383 
TYR N    H2   sing N N 384 
TYR CA   C    sing N N 385 
TYR CA   CB   sing N N 386 
TYR CA   HA   sing N N 387 
TYR C    O    doub N N 388 
TYR C    OXT  sing N N 389 
TYR CB   CG   sing N N 390 
TYR CB   HB2  sing N N 391 
TYR CB   HB3  sing N N 392 
TYR CG   CD1  doub Y N 393 
TYR CG   CD2  sing Y N 394 
TYR CD1  CE1  sing Y N 395 
TYR CD1  HD1  sing N N 396 
TYR CD2  CE2  doub Y N 397 
TYR CD2  HD2  sing N N 398 
TYR CE1  CZ   doub Y N 399 
TYR CE1  HE1  sing N N 400 
TYR CE2  CZ   sing Y N 401 
TYR CE2  HE2  sing N N 402 
TYR CZ   OH   sing N N 403 
TYR OH   HH   sing N N 404 
TYR OXT  HXT  sing N N 405 
# 
_atom_sites.entry_id                    3C3G 
_atom_sites.fract_transf_matrix[1][1]   0.00567149 
_atom_sites.fract_transf_matrix[1][2]   0.02438207 
_atom_sites.fract_transf_matrix[1][3]   -0.00714239 
_atom_sites.fract_transf_matrix[2][1]   -0.00167646 
_atom_sites.fract_transf_matrix[2][2]   0.00766137 
_atom_sites.fract_transf_matrix[2][3]   0.02482253 
_atom_sites.fract_transf_matrix[3][1]   0.02094560 
_atom_sites.fract_transf_matrix[3][2]   -0.00408812 
_atom_sites.fract_transf_matrix[3][3]   0.00267641 
_atom_sites.fract_transf_vector[1]      0.361676 
_atom_sites.fract_transf_vector[2]      0.132679 
_atom_sites.fract_transf_vector[3]      0.011977 
# 
loop_
_atom_type.symbol 
C 
H 
N 
O 
S 
# 
loop_
_atom_site.group_PDB 
_atom_site.id 
_atom_site.type_symbol 
_atom_site.label_atom_id 
_atom_site.label_alt_id 
_atom_site.label_comp_id 
_atom_site.label_asym_id 
_atom_site.label_entity_id 
_atom_site.label_seq_id 
_atom_site.pdbx_PDB_ins_code 
_atom_site.Cartn_x 
_atom_site.Cartn_y 
_atom_site.Cartn_z 
_atom_site.occupancy 
_atom_site.B_iso_or_equiv 
_atom_site.pdbx_formal_charge 
_atom_site.auth_seq_id 
_atom_site.auth_comp_id 
_atom_site.auth_asym_id 
_atom_site.auth_atom_id 
_atom_site.pdbx_PDB_model_num 
HETATM 1   N N    . HMR A 1 1  ? 21.548  3.936  4.726  1.00 39.18 ? 1  HMR A N    1 
HETATM 2   C CB   . HMR A 1 1  ? 21.838  3.536  3.350  1.00 38.53 ? 1  HMR A CB   1 
HETATM 3   C CC   . HMR A 1 1  ? 22.952  4.390  2.718  1.00 39.68 ? 1  HMR A CC   1 
HETATM 4   C CG   . HMR A 1 1  ? 23.893  5.122  3.676  1.00 41.34 ? 1  HMR A CG   1 
HETATM 5   C CD   . HMR A 1 1  ? 23.945  6.618  3.322  1.00 43.09 ? 1  HMR A CD   1 
HETATM 6   N NE   . HMR A 1 1  ? 24.635  6.732  2.035  1.00 43.89 ? 1  HMR A NE   1 
HETATM 7   C C    . HMR A 1 1  ? 21.165  1.136  2.640  1.00 36.59 ? 1  HMR A C    1 
HETATM 8   O O    . HMR A 1 1  ? 20.021  1.498  2.387  1.00 36.14 ? 1  HMR A O    1 
HETATM 9   C CA   . HMR A 1 1  ? 22.203  2.046  3.285  1.00 37.59 ? 1  HMR A CA   1 
HETATM 10  H H1   . HMR A 1 1  ? 21.610  3.253  5.476  0.00 39.15 ? 1  HMR A H1   1 
HETATM 11  H HB   . HMR A 1 1  ? 20.933  3.702  2.747  1.00 38.51 ? 1  HMR A HB   1 
HETATM 12  H HB2  . HMR A 1 1  ? 23.555  3.758  2.067  1.00 39.80 ? 1  HMR A HB2  1 
HETATM 13  H HB3  . HMR A 1 1  ? 22.486  5.126  2.061  1.00 39.80 ? 1  HMR A HB3  1 
HETATM 14  H HG2  . HMR A 1 1  ? 23.571  5.005  4.712  1.00 41.36 ? 1  HMR A HG2  1 
HETATM 15  H HG3  . HMR A 1 1  ? 24.893  4.696  3.589  1.00 41.36 ? 1  HMR A HG3  1 
HETATM 16  H HD2  . HMR A 1 1  ? 22.935  7.031  3.252  1.00 42.86 ? 1  HMR A HD2  1 
HETATM 17  H HD3  . HMR A 1 1  ? 24.492  7.166  4.091  1.00 42.86 ? 1  HMR A HD3  1 
HETATM 18  H HE   . HMR A 1 1  ? 24.321  7.423  1.167  1.00 43.64 ? 1  HMR A HE   1 
HETATM 19  H HC1  . HMR A 1 1  ? 22.402  1.688  4.296  1.00 37.32 ? 1  HMR A HC1  1 
HETATM 20  H HC2  . HMR A 1 1  ? 23.133  1.923  2.729  1.00 37.32 ? 1  HMR A HC2  1 
ATOM   21  N N    . MET A 1 2  ? 21.597  -0.098 2.390  1.00 35.69 ? 2  MET A N    1 
ATOM   22  C CA   . MET A 1 2  ? 20.748  -1.131 1.787  1.00 34.97 ? 2  MET A CA   1 
ATOM   23  C C    . MET A 1 2  ? 19.620  -1.634 2.714  1.00 33.90 ? 2  MET A C    1 
ATOM   24  O O    . MET A 1 2  ? 18.558  -2.041 2.241  1.00 33.63 ? 2  MET A O    1 
ATOM   25  C CB   . MET A 1 2  ? 21.593  -2.337 1.377  1.00 35.30 ? 2  MET A CB   1 
ATOM   26  C CG   . MET A 1 2  ? 21.000  -3.135 0.199  1.00 36.76 ? 2  MET A CG   1 
ATOM   27  S SD   . MET A 1 2  ? 22.035  -3.005 -1.283 1.00 42.69 ? 2  MET A SD   1 
ATOM   28  C CE   . MET A 1 2  ? 21.902  -1.289 -1.705 1.00 36.97 ? 2  MET A CE   1 
ATOM   29  H H    . MET A 1 2  ? 22.394  -0.365 2.574  1.00 35.74 ? 2  MET A H    1 
ATOM   30  H HA   . MET A 1 2  ? 20.342  -0.762 0.975  1.00 34.97 ? 2  MET A HA   1 
ATOM   31  H HB2  . MET A 1 2  ? 22.474  -2.030 1.110  1.00 35.28 ? 2  MET A HB2  1 
ATOM   32  H HB3  . MET A 1 2  ? 21.676  -2.941 2.132  1.00 35.28 ? 2  MET A HB3  1 
ATOM   33  H HG2  . MET A 1 2  ? 20.944  -4.070 0.447  1.00 37.81 ? 2  MET A HG2  1 
ATOM   34  H HG3  . MET A 1 2  ? 20.117  -2.794 -0.017 1.00 37.81 ? 2  MET A HG3  1 
ATOM   35  H HE1  . MET A 1 2  ? 20.969  -1.109 -1.840 0.00 36.94 ? 2  MET A HE1  1 
ATOM   36  H HE2  . MET A 1 2  ? 22.414  -1.133 -2.454 0.00 36.94 ? 2  MET A HE2  1 
ATOM   37  H HE3  . MET A 1 2  ? 22.213  -0.789 -0.932 0.00 36.94 ? 2  MET A HE3  1 
ATOM   38  N N    . LYS A 1 3  ? 19.872  -1.633 4.019  1.00 33.21 ? 3  LYS A N    1 
ATOM   39  C CA   . LYS A 1 3  ? 18.922  -2.176 4.990  1.00 32.49 ? 3  LYS A CA   1 
ATOM   40  C C    . LYS A 1 3  ? 17.799  -1.181 5.252  1.00 31.16 ? 3  LYS A C    1 
ATOM   41  O O    . LYS A 1 3  ? 16.631  -1.507 5.141  1.00 31.38 ? 3  LYS A O    1 
ATOM   42  C CB   . LYS A 1 3  ? 19.638  -2.525 6.308  1.00 32.73 ? 3  LYS A CB   1 
ATOM   43  H H    . LYS A 1 3  ? 20.603  -1.318 4.380  1.00 33.20 ? 3  LYS A H    1 
ATOM   44  H HA   . LYS A 1 3  ? 18.525  -3.001 4.637  1.00 32.41 ? 3  LYS A HA   1 
ATOM   45  H HB2  . LYS A 1 3  ? 20.329  -3.182 6.126  0.00 32.69 ? 3  LYS A HB2  1 
ATOM   46  H HB3  . LYS A 1 3  ? 20.046  -1.730 6.666  0.00 32.69 ? 3  LYS A HB3  1 
HETATM 47  N N    . B3Q A 1 4  ? 18.167  0.025  5.615  1.00 30.41 ? 4  B3Q A N    1 
HETATM 48  C CA   . B3Q A 1 4  ? 17.210  1.050  5.884  1.00 29.20 ? 4  B3Q A CA   1 
HETATM 49  C CG   . B3Q A 1 4  ? 17.648  1.770  7.160  1.00 30.31 ? 4  B3Q A CG   1 
HETATM 50  C CB   . B3Q A 1 4  ? 17.238  1.940  4.651  1.00 28.35 ? 4  B3Q A CB   1 
HETATM 51  C C    . B3Q A 1 4  ? 16.336  1.505  3.496  1.00 26.76 ? 4  B3Q A C    1 
HETATM 52  O O    . B3Q A 1 4  ? 15.124  1.499  3.620  1.00 26.76 ? 4  B3Q A O    1 
HETATM 53  H HA   . B3Q A 1 4  ? 16.194  0.646  6.027  1.00 29.42 ? 4  B3Q A HA   1 
HETATM 54  H HG   . B3Q A 1 4  ? 18.524  1.269  7.576  0.00 30.23 ? 4  B3Q A HG   1 
HETATM 55  H HGA  . B3Q A 1 4  ? 17.899  2.804  6.923  0.00 30.23 ? 4  B3Q A HGA  1 
HETATM 56  H HB1  . B3Q A 1 4  ? 18.268  2.009  4.295  1.00 27.87 ? 4  B3Q A HB1  1 
HETATM 57  H H2   . B3Q A 1 4  ? 18.998  0.238  5.688  1.00 30.29 ? 4  B3Q A H2   1 
HETATM 58  H HB2  . B3Q A 1 4  ? 16.948  2.946  4.953  1.00 27.87 ? 4  B3Q A HB2  1 
ATOM   59  N N    . ILE A 1 5  ? 16.943  1.157  2.361  1.00 25.25 ? 5  ILE A N    1 
ATOM   60  C CA   . ILE A 1 5  ? 16.210  0.788  1.146  1.00 23.79 ? 5  ILE A CA   1 
ATOM   61  C C    . ILE A 1 5  ? 15.212  -0.349 1.312  1.00 23.77 ? 5  ILE A C    1 
ATOM   62  O O    . ILE A 1 5  ? 14.044  -0.195 0.975  1.00 22.37 ? 5  ILE A O    1 
ATOM   63  C CB   . ILE A 1 5  ? 17.168  0.512  -0.040 1.00 23.72 ? 5  ILE A CB   1 
ATOM   64  C CG1  . ILE A 1 5  ? 17.888  1.810  -0.441 1.00 23.09 ? 5  ILE A CG1  1 
ATOM   65  C CG2  . ILE A 1 5  ? 16.425  -0.071 -1.249 1.00 21.93 ? 5  ILE A CG2  1 
ATOM   66  C CD1  . ILE A 1 5  ? 19.026  1.578  -1.356 1.00 23.05 ? 5  ILE A CD1  1 
ATOM   67  H H    . ILE A 1 5  ? 17.797  1.184  2.255  1.00 25.27 ? 5  ILE A H    1 
ATOM   68  H HA   . ILE A 1 5  ? 15.680  1.576  0.889  1.00 24.08 ? 5  ILE A HA   1 
ATOM   69  H HB   . ILE A 1 5  ? 17.835  -0.131 0.249  1.00 23.50 ? 5  ILE A HB   1 
ATOM   70  H HG12 . ILE A 1 5  ? 17.256  2.391  -0.894 1.00 23.23 ? 5  ILE A HG12 1 
ATOM   71  H HG13 . ILE A 1 5  ? 18.231  2.252  0.350  1.00 23.23 ? 5  ILE A HG13 1 
ATOM   72  H HG21 . ILE A 1 5  ? 16.000  -0.890 -1.000 0.00 23.07 ? 5  ILE A HG21 1 
ATOM   73  H HG22 . ILE A 1 5  ? 17.047  -0.221 -1.961 0.00 23.07 ? 5  ILE A HG22 1 
ATOM   74  H HG23 . ILE A 1 5  ? 15.753  0.567  -1.539 0.00 23.07 ? 5  ILE A HG23 1 
ATOM   75  H HD11 . ILE A 1 5  ? 19.433  2.418  -1.568 0.00 23.44 ? 5  ILE A HD11 1 
ATOM   76  H HD12 . ILE A 1 5  ? 18.696  1.160  -2.160 0.00 23.44 ? 5  ILE A HD12 1 
ATOM   77  H HD13 . ILE A 1 5  ? 19.661  1.001  -0.927 0.00 23.44 ? 5  ILE A HD13 1 
ATOM   78  N N    . GLU A 1 6  ? 15.665  -1.479 1.843  1.00 23.52 ? 6  GLU A N    1 
ATOM   79  C CA   . GLU A 1 6  ? 14.857  -2.686 1.863  1.00 23.33 ? 6  GLU A CA   1 
ATOM   80  C C    . GLU A 1 6  ? 13.619  -2.541 2.753  1.00 22.44 ? 6  GLU A C    1 
ATOM   81  O O    . GLU A 1 6  ? 12.516  -2.881 2.325  1.00 22.42 ? 6  GLU A O    1 
ATOM   82  C CB   . GLU A 1 6  ? 15.715  -3.874 2.341  1.00 23.98 ? 6  GLU A CB   1 
ATOM   83  H H    . GLU A 1 6  ? 16.455  -1.564 2.206  1.00 23.53 ? 6  GLU A H    1 
ATOM   84  H HA   . GLU A 1 6  ? 14.553  -2.881 0.951  1.00 23.32 ? 6  GLU A HA   1 
ATOM   85  H HB2  . GLU A 1 6  ? 16.470  -3.977 1.743  0.00 24.04 ? 6  GLU A HB2  1 
ATOM   86  H HB3  . GLU A 1 6  ? 16.054  -3.676 3.232  0.00 24.04 ? 6  GLU A HB3  1 
HETATM 87  O OE1  . B3D A 1 7  ? 11.562  -4.136 6.337  1.00 31.49 ? 7  B3D A OE1  1 
HETATM 88  C CD   . B3D A 1 7  ? 12.789  -3.915 6.295  1.00 28.80 ? 7  B3D A CD   1 
HETATM 89  O OE2  . B3D A 1 7  ? 13.657  -4.820 6.267  1.00 33.60 ? 7  B3D A OE2  1 
HETATM 90  C CG   . B3D A 1 7  ? 13.232  -2.475 6.263  1.00 25.10 ? 7  B3D A CG   1 
HETATM 91  C CA   . B3D A 1 7  ? 12.787  -1.804 4.948  1.00 21.75 ? 7  B3D A CA   1 
HETATM 92  N N    . B3D A 1 7  ? 13.827  -1.990 3.954  1.00 22.08 ? 7  B3D A N    1 
HETATM 93  C CB   . B3D A 1 7  ? 12.567  -0.354 5.271  1.00 20.63 ? 7  B3D A CB   1 
HETATM 94  C C    . B3D A 1 7  ? 11.614  0.286  4.298  1.00 19.07 ? 7  B3D A C    1 
HETATM 95  O O    . B3D A 1 7  ? 10.416  0.107  4.419  1.00 17.76 ? 7  B3D A O    1 
HETATM 96  H HG3  . B3D A 1 7  ? 14.319  -2.429 6.353  1.00 25.18 ? 7  B3D A HG3  1 
HETATM 97  H HG2  . B3D A 1 7  ? 12.806  -1.960 7.127  1.00 25.18 ? 7  B3D A HG2  1 
HETATM 98  H HA   . B3D A 1 7  ? 11.836  -2.245 4.615  1.00 21.70 ? 7  B3D A HA   1 
HETATM 99  H H    . B3D A 1 7  ? 14.623  -1.776 4.201  1.00 22.09 ? 7  B3D A H    1 
HETATM 100 H HB1  . B3D A 1 7  ? 13.524  0.169  5.253  1.00 20.18 ? 7  B3D A HB1  1 
HETATM 101 H HB2  . B3D A 1 7  ? 12.151  -0.245 6.274  1.00 20.18 ? 7  B3D A HB2  1 
ATOM   102 N N    . LYS A 1 8  ? 12.165  1.041  3.344  1.00 17.61 ? 8  LYS A N    1 
ATOM   103 C CA   . LYS A 1 8  ? 11.360  1.769  2.359  1.00 16.53 ? 8  LYS A CA   1 
ATOM   104 C C    . LYS A 1 8  ? 10.543  0.890  1.419  1.00 14.80 ? 8  LYS A C    1 
ATOM   105 O O    . LYS A 1 8  ? 9.378   1.172  1.186  1.00 12.23 ? 8  LYS A O    1 
ATOM   106 C CB   . LYS A 1 8  ? 12.228  2.768  1.580  1.00 16.76 ? 8  LYS A CB   1 
ATOM   107 C CG   . LYS A 1 8  ? 12.884  3.878  2.475  1.00 18.70 ? 8  LYS A CG   1 
ATOM   108 C CD   . LYS A 1 8  ? 11.882  4.840  3.120  1.00 19.86 ? 8  LYS A CD   1 
ATOM   109 C CE   . LYS A 1 8  ? 12.479  5.609  4.301  1.00 22.39 ? 8  LYS A CE   1 
ATOM   110 N NZ   . LYS A 1 8  ? 11.439  6.150  5.204  1.00 23.45 ? 8  LYS A NZ   1 
ATOM   111 H H    . LYS A 1 8  ? 13.012  1.179  3.272  1.00 17.71 ? 8  LYS A H    1 
ATOM   112 H HA   . LYS A 1 8  ? 10.702  2.296  2.863  1.00 16.44 ? 8  LYS A HA   1 
ATOM   113 H HB2  . LYS A 1 8  ? 12.943  2.283  1.140  1.00 16.85 ? 8  LYS A HB2  1 
ATOM   114 H HB3  . LYS A 1 8  ? 11.676  3.212  0.918  1.00 16.85 ? 8  LYS A HB3  1 
ATOM   115 H HG2  . LYS A 1 8  ? 13.388  3.452  3.185  1.00 18.51 ? 8  LYS A HG2  1 
ATOM   116 H HG3  . LYS A 1 8  ? 13.483  4.406  1.922  1.00 18.51 ? 8  LYS A HG3  1 
ATOM   117 H HD2  . LYS A 1 8  ? 11.594  5.486  2.456  1.00 20.18 ? 8  LYS A HD2  1 
ATOM   118 H HD3  . LYS A 1 8  ? 11.118  4.344  3.450  1.00 20.18 ? 8  LYS A HD3  1 
ATOM   119 H HE2  . LYS A 1 8  ? 13.044  5.015  4.820  1.00 22.04 ? 8  LYS A HE2  1 
ATOM   120 H HE3  . LYS A 1 8  ? 13.000  6.353  3.964  1.00 22.04 ? 8  LYS A HE3  1 
ATOM   121 H HZ1  . LYS A 1 8  ? 10.865  6.757  4.724  0.00 23.21 ? 8  LYS A HZ1  1 
ATOM   122 H HZ2  . LYS A 1 8  ? 11.840  6.624  5.935  0.00 23.21 ? 8  LYS A HZ2  1 
ATOM   123 H HZ3  . LYS A 1 8  ? 10.896  5.437  5.560  0.00 23.21 ? 8  LYS A HZ3  1 
ATOM   124 N N    . LEU A 1 9  ? 11.127  -0.183 0.901  1.00 13.68 ? 9  LEU A N    1 
ATOM   125 C CA   . LEU A 1 9  ? 10.405  -1.001 -0.035 1.00 13.55 ? 9  LEU A CA   1 
ATOM   126 C C    . LEU A 1 9  ? 9.281   -1.823 0.634  1.00 13.80 ? 9  LEU A C    1 
ATOM   127 O O    . LEU A 1 9  ? 8.221   -1.979 0.026  1.00 13.29 ? 9  LEU A O    1 
ATOM   128 C CB   . LEU A 1 9  ? 11.353  -1.881 -0.844 1.00 14.29 ? 9  LEU A CB   1 
ATOM   129 C CG   . LEU A 1 9  ? 12.353  -1.161 -1.783 1.00 13.88 ? 9  LEU A CG   1 
ATOM   130 C CD1  . LEU A 1 9  ? 13.322  -2.197 -2.382 1.00 16.52 ? 9  LEU A CD1  1 
ATOM   131 C CD2  . LEU A 1 9  ? 11.670  -0.358 -2.874 1.00 12.74 ? 9  LEU A CD2  1 
ATOM   132 H H    . LEU A 1 9  ? 11.936  -0.450 1.082  1.00 13.94 ? 9  LEU A H    1 
ATOM   133 H HA   . LEU A 1 9  ? 9.963   -0.407 -0.681 1.00 13.78 ? 9  LEU A HA   1 
ATOM   134 H HB2  . LEU A 1 9  ? 11.876  -2.413 -0.225 1.00 13.79 ? 9  LEU A HB2  1 
ATOM   135 H HB3  . LEU A 1 9  ? 10.817  -2.471 -1.399 1.00 13.79 ? 9  LEU A HB3  1 
ATOM   136 H HG   . LEU A 1 9  ? 12.879  -0.540 -1.258 1.00 14.24 ? 9  LEU A HG   1 
ATOM   137 H HD11 . LEU A 1 9  ? 13.944  -1.743 -2.962 0.00 16.42 ? 9  LEU A HD11 1 
ATOM   138 H HD12 . LEU A 1 9  ? 12.822  -2.842 -2.880 0.00 16.42 ? 9  LEU A HD12 1 
ATOM   139 H HD13 . LEU A 1 9  ? 13.802  -2.625 -1.669 0.00 16.42 ? 9  LEU A HD13 1 
ATOM   140 H HD21 . LEU A 1 9  ? 11.136  -0.949 -3.409 0.00 12.74 ? 9  LEU A HD21 1 
ATOM   141 H HD22 . LEU A 1 9  ? 12.338  0.063  -3.421 0.00 12.74 ? 9  LEU A HD22 1 
ATOM   142 H HD23 . LEU A 1 9  ? 11.112  0.310  -2.466 0.00 12.74 ? 9  LEU A HD23 1 
HETATM 143 N N    . B3E A 1 10 ? 9.525   -2.299 1.856  1.00 13.13 ? 10 B3E A N    1 
HETATM 144 C CA   . B3E A 1 10 ? 8.573   -3.087 2.623  1.00 13.22 ? 10 B3E A CA   1 
HETATM 145 C CG   . B3E A 1 10 ? 9.179   -4.419 3.067  1.00 16.08 ? 10 B3E A CG   1 
HETATM 146 C CD   . B3E A 1 10 ? 9.027   -5.480 2.004  1.00 18.46 ? 10 B3E A CD   1 
HETATM 147 C CE   . B3E A 1 10 ? 7.617   -6.041 1.856  1.00 20.17 ? 10 B3E A CE   1 
HETATM 148 O OF2  . B3E A 1 10 ? 7.442   -6.749 0.861  1.00 23.64 ? 10 B3E A OF2  1 
HETATM 149 O OF1  . B3E A 1 10 ? 6.673   -5.789 2.630  1.00 22.90 ? 10 B3E A OF1  1 
HETATM 150 C CB   . B3E A 1 10 ? 8.243   -2.304 3.857  1.00 13.01 ? 10 B3E A CB   1 
HETATM 151 C C    . B3E A 1 10 ? 7.188   -1.277 3.629  1.00 12.04 ? 10 B3E A C    1 
HETATM 152 O O    . B3E A 1 10 ? 6.001   -1.593 3.529  1.00 11.26 ? 10 B3E A O    1 
HETATM 153 H H    . B3E A 1 10 ? 10.282  -2.156 2.238  1.00 13.33 ? 10 B3E A H    1 
HETATM 154 H HA   . B3E A 1 10 ? 7.651   -3.273 2.052  1.00 13.32 ? 10 B3E A HA   1 
HETATM 155 H HG2  . B3E A 1 10 ? 10.240  -4.275 3.280  1.00 15.97 ? 10 B3E A HG2  1 
HETATM 156 H HG3  . B3E A 1 10 ? 8.702   -4.770 3.985  1.00 15.97 ? 10 B3E A HG3  1 
HETATM 157 H HD2  . B3E A 1 10 ? 9.332   -5.052 1.047  1.00 18.30 ? 10 B3E A HD2  1 
HETATM 158 H HD3  . B3E A 1 10 ? 9.713   -6.301 2.217  1.00 18.30 ? 10 B3E A HD3  1 
HETATM 159 H HB1  . B3E A 1 10 ? 9.150   -1.839 4.245  1.00 12.70 ? 10 B3E A HB1  1 
HETATM 160 H HB2  . B3E A 1 10 ? 7.880   -2.980 4.633  1.00 12.70 ? 10 B3E A HB2  1 
ATOM   161 N N    . GLU A 1 11 ? 7.615   -0.030 3.605  1.00 11.71 ? 11 GLU A N    1 
ATOM   162 C CA   . GLU A 1 11 ? 6.681   1.083  3.493  1.00 12.09 ? 11 GLU A CA   1 
ATOM   163 C C    . GLU A 1 11 ? 5.859   1.106  2.207  1.00 10.98 ? 11 GLU A C    1 
ATOM   164 O O    . GLU A 1 11 ? 4.685   1.416  2.233  1.00 10.15 ? 11 GLU A O    1 
ATOM   165 C CB   . GLU A 1 11 ? 7.404   2.409  3.702  1.00 12.52 ? 11 GLU A CB   1 
ATOM   166 C CG   . GLU A 1 11 ? 7.936   2.614  5.127  1.00 15.20 ? 11 GLU A CG   1 
ATOM   167 C CD   . GLU A 1 11 ? 8.504   4.013  5.403  1.00 16.79 ? 11 GLU A CD   1 
ATOM   168 O OE1  . GLU A 1 11 ? 9.662   4.114  5.871  1.00 20.34 ? 11 GLU A OE1  1 
ATOM   169 O OE2  . GLU A 1 11 ? 7.790   4.999  5.176  1.00 21.10 ? 11 GLU A OE2  1 
ATOM   170 H H    . GLU A 1 11 ? 8.437   0.205  3.718  1.00 11.90 ? 11 GLU A H    1 
ATOM   171 H HA   . GLU A 1 11 ? 6.038   0.998  4.230  1.00 11.87 ? 11 GLU A HA   1 
ATOM   172 H HB2  . GLU A 1 11 ? 8.158   2.458  3.095  1.00 12.58 ? 11 GLU A HB2  1 
ATOM   173 H HB3  . GLU A 1 11 ? 6.786   3.133  3.514  1.00 12.58 ? 11 GLU A HB3  1 
ATOM   174 H HG2  . GLU A 1 11 ? 7.211   2.463  5.753  1.00 14.95 ? 11 GLU A HG2  1 
ATOM   175 H HG3  . GLU A 1 11 ? 8.645   1.971  5.289  1.00 14.95 ? 11 GLU A HG3  1 
ATOM   176 N N    . ILE A 1 12 ? 6.484   0.790  1.076  1.00 10.88 ? 12 ILE A N    1 
ATOM   177 C CA   . ILE A 1 12 ? 5.809   0.902  -0.200 1.00 10.20 ? 12 ILE A CA   1 
ATOM   178 C C    . ILE A 1 12 ? 4.891   -0.308 -0.406 1.00 9.22  ? 12 ILE A C    1 
ATOM   179 O O    . ILE A 1 12 ? 3.750   -0.152 -0.835 1.00 8.78  ? 12 ILE A O    1 
ATOM   180 C CB   . ILE A 1 12 ? 6.826   1.011  -1.369 1.00 9.86  ? 12 ILE A CB   1 
ATOM   181 C CG1  . ILE A 1 12 ? 7.545   2.387  -1.346 1.00 10.66 ? 12 ILE A CG1  1 
ATOM   182 C CG2  . ILE A 1 12 ? 6.115   0.778  -2.729 1.00 10.19 ? 12 ILE A CG2  1 
ATOM   183 C CD1  . ILE A 1 12 ? 8.760   2.434  -2.262 1.00 11.01 ? 12 ILE A CD1  1 
ATOM   184 H H    . ILE A 1 12 ? 7.308   0.507  1.025  1.00 10.73 ? 12 ILE A H    1 
ATOM   185 H HA   . ILE A 1 12 ? 5.255   1.712  -0.213 1.00 10.07 ? 12 ILE A HA   1 
ATOM   186 H HB   . ILE A 1 12 ? 7.496   0.317  -1.255 1.00 10.17 ? 12 ILE A HB   1 
ATOM   187 H HG12 . ILE A 1 12 ? 6.922   3.071  -1.641 1.00 10.56 ? 12 ILE A HG12 1 
ATOM   188 H HG13 . ILE A 1 12 ? 7.840   2.578  -0.443 1.00 10.56 ? 12 ILE A HG13 1 
ATOM   189 H HG21 . ILE A 1 12 ? 5.725   -0.099 -2.730 0.00 10.37 ? 12 ILE A HG21 1 
ATOM   190 H HG22 . ILE A 1 12 ? 6.760   0.849  -3.435 0.00 10.37 ? 12 ILE A HG22 1 
ATOM   191 H HG23 . ILE A 1 12 ? 5.430   1.442  -2.839 0.00 10.37 ? 12 ILE A HG23 1 
ATOM   192 H HD11 . ILE A 1 12 ? 9.159   3.305  -2.207 0.00 10.88 ? 12 ILE A HD11 1 
ATOM   193 H HD12 . ILE A 1 12 ? 8.477   2.260  -3.164 0.00 10.88 ? 12 ILE A HD12 1 
ATOM   194 H HD13 . ILE A 1 12 ? 9.389   1.767  -1.981 0.00 10.88 ? 12 ILE A HD13 1 
HETATM 195 O O    . B3L A 1 13 ? 1.764   -2.627 1.126  1.00 10.70 ? 13 B3L A O    1 
HETATM 196 C C    . B3L A 1 13 ? 2.864   -2.420 1.580  1.00 9.58  ? 13 B3L A C    1 
HETATM 197 C CB   . B3L A 1 13 ? 4.036   -3.176 1.041  1.00 9.86  ? 13 B3L A CB   1 
HETATM 198 C CA   . B3L A 1 13 ? 4.663   -2.719 -0.254 1.00 9.02  ? 13 B3L A CA   1 
HETATM 199 N N    . B3L A 1 13 ? 5.389   -1.480 -0.061 1.00 8.60  ? 13 B3L A N    1 
HETATM 200 C CG   . B3L A 1 13 ? 5.619   -3.824 -0.736 1.00 9.34  ? 13 B3L A CG   1 
HETATM 201 C CD   . B3L A 1 13 ? 6.064   -3.688 -2.195 1.00 8.62  ? 13 B3L A CD   1 
HETATM 202 C CE2  . B3L A 1 13 ? 4.935   -4.126 -3.120 1.00 10.70 ? 13 B3L A CE2  1 
HETATM 203 C CE1  . B3L A 1 13 ? 7.346   -4.479 -2.415 1.00 9.67  ? 13 B3L A CE1  1 
HETATM 204 H HB1  . B3L A 1 13 ? 3.712   -4.214 0.917  1.00 9.71  ? 13 B3L A HB1  1 
HETATM 205 H HB2  . B3L A 1 13 ? 4.818   -3.195 1.807  1.00 9.71  ? 13 B3L A HB2  1 
HETATM 206 H HA   . B3L A 1 13 ? 3.868   -2.596 -1.003 1.00 9.20  ? 13 B3L A HA   1 
HETATM 207 H H    . B3L A 1 13 ? 6.335   -1.562 0.278  1.00 8.87  ? 13 B3L A H    1 
HETATM 208 H HG   . B3L A 1 13 ? 5.126   -4.792 -0.626 1.00 9.10  ? 13 B3L A HG   1 
HETATM 209 H HGA  . B3L A 1 13 ? 6.500   -3.844 -0.090 1.00 9.10  ? 13 B3L A HGA  1 
HETATM 210 H HD   . B3L A 1 13 ? 6.277   -2.627 -2.392 1.00 9.35  ? 13 B3L A HD   1 
HETATM 211 H H3E2 . B3L A 1 13 ? 5.263   -4.941 -3.716 0.00 10.76 ? 13 B3L A H3E2 1 
HETATM 212 H H2E2 . B3L A 1 13 ? 4.654   -3.321 -3.749 0.00 10.76 ? 13 B3L A H2E2 1 
HETATM 213 H H1E2 . B3L A 1 13 ? 4.101   -4.429 -2.541 0.00 10.76 ? 13 B3L A H1E2 1 
HETATM 214 H H3E1 . B3L A 1 13 ? 7.182   -5.217 -3.159 0.00 9.79  ? 13 B3L A H3E1 1 
HETATM 215 H H2E1 . B3L A 1 13 ? 8.113   -3.817 -2.744 0.00 9.79  ? 13 B3L A H2E1 1 
HETATM 216 H H1E1 . B3L A 1 13 ? 7.639   -4.937 -1.513 0.00 9.79  ? 13 B3L A H1E1 1 
ATOM   217 N N    . SER A 1 14 ? 3.113   -1.556 2.562  1.00 10.57 ? 14 SER A N    1 
ATOM   218 C CA   A SER A 1 14 ? 2.047   -0.805 3.236  0.50 10.52 ? 14 SER A CA   1 
ATOM   219 C CA   B SER A 1 14 ? 2.042   -0.809 3.235  0.50 10.89 ? 14 SER A CA   1 
ATOM   220 C C    . SER A 1 14 ? 1.198   0.106  2.338  1.00 10.46 ? 14 SER A C    1 
ATOM   221 O O    . SER A 1 14 ? -0.009  0.061  2.391  1.00 11.08 ? 14 SER A O    1 
ATOM   222 C CB   A SER A 1 14 ? 2.623   -0.017 4.405  0.50 10.40 ? 14 SER A CB   1 
ATOM   223 C CB   B SER A 1 14 ? 2.594   -0.012 4.408  0.50 10.83 ? 14 SER A CB   1 
ATOM   224 O OG   A SER A 1 14 ? 3.177   -0.897 5.365  0.50 10.43 ? 14 SER A OG   1 
ATOM   225 O OG   B SER A 1 14 ? 1.530   0.511  5.182  0.50 13.05 ? 14 SER A OG   1 
ATOM   226 H H    . SER A 1 14 ? 3.897   -1.436 2.905  1.00 10.42 ? 14 SER A H    1 
ATOM   227 H HA   A SER A 1 14 ? 1.429   -1.463 3.624  0.50 10.49 ? 14 SER A HA   1 
ATOM   228 H HA   B SER A 1 14 ? 1.424   -1.470 3.616  0.50 10.72 ? 14 SER A HA   1 
ATOM   229 H HB2  A SER A 1 14 ? 3.316   0.577  4.084  0.50 10.48 ? 14 SER A HB2  1 
ATOM   230 H HB2  B SER A 1 14 ? 3.134   -0.594 4.965  0.50 11.13 ? 14 SER A HB2  1 
ATOM   231 H HB3  A SER A 1 14 ? 1.914   0.497  4.821  0.50 10.48 ? 14 SER A HB3  1 
ATOM   232 H HB3  B SER A 1 14 ? 3.130   0.721  4.073  0.50 11.13 ? 14 SER A HB3  1 
ATOM   233 H HG   A SER A 1 14 ? 3.485   -0.467 5.992  0.00 10.48 ? 14 SER A HG   1 
ATOM   234 H HG   B SER A 1 14 ? 1.821   0.952  5.810  0.00 13.14 ? 14 SER A HG   1 
ATOM   235 N N    . LYS A 1 15 ? 1.832   0.935  1.533  1.00 9.75  ? 15 LYS A N    1 
ATOM   236 C CA   . LYS A 1 15 ? 1.095   1.822  0.641  1.00 9.88  ? 15 LYS A CA   1 
ATOM   237 C C    . LYS A 1 15 ? 0.363   1.129  -0.514 1.00 9.19  ? 15 LYS A C    1 
ATOM   238 O O    . LYS A 1 15 ? -0.748  1.503  -0.814 1.00 9.77  ? 15 LYS A O    1 
ATOM   239 C CB   . LYS A 1 15 ? 2.008   2.908  0.046  1.00 9.92  ? 15 LYS A CB   1 
ATOM   240 C CG   . LYS A 1 15 ? 2.657   3.842  1.017  1.00 11.73 ? 15 LYS A CG   1 
ATOM   241 C CD   . LYS A 1 15 ? 1.702   4.590  1.879  1.00 15.28 ? 15 LYS A CD   1 
ATOM   242 C CE   . LYS A 1 15 ? 2.453   5.695  2.657  1.00 16.67 ? 15 LYS A CE   1 
ATOM   243 N NZ   . LYS A 1 15 ? 1.560   6.377  3.625  1.00 17.14 ? 15 LYS A NZ   1 
ATOM   244 H H    . LYS A 1 15 ? 2.700   1.006  1.482  1.00 9.97  ? 15 LYS A H    1 
ATOM   245 H HA   . LYS A 1 15 ? 0.409   2.284  1.170  1.00 9.72  ? 15 LYS A HA   1 
ATOM   246 H HB2  . LYS A 1 15 ? 2.717   2.470  -0.451 1.00 10.12 ? 15 LYS A HB2  1 
ATOM   247 H HB3  . LYS A 1 15 ? 1.478   3.449  -0.561 1.00 10.12 ? 15 LYS A HB3  1 
ATOM   248 H HG2  . LYS A 1 15 ? 3.240   3.334  1.599  1.00 12.14 ? 15 LYS A HG2  1 
ATOM   249 H HG3  . LYS A 1 15 ? 3.178   4.492  0.519  1.00 12.14 ? 15 LYS A HG3  1 
ATOM   250 H HD2  . LYS A 1 15 ? 1.008   4.994  1.335  1.00 14.77 ? 15 LYS A HD2  1 
ATOM   251 H HD3  . LYS A 1 15 ? 1.333   3.972  2.526  1.00 14.77 ? 15 LYS A HD3  1 
ATOM   252 H HE2  . LYS A 1 15 ? 3.187   5.296  3.148  1.00 16.45 ? 15 LYS A HE2  1 
ATOM   253 H HE3  . LYS A 1 15 ? 2.787   6.356  2.030  1.00 16.45 ? 15 LYS A HE3  1 
ATOM   254 H HZ1  . LYS A 1 15 ? 0.822   6.787  3.162  0.00 17.05 ? 15 LYS A HZ1  1 
ATOM   255 H HZ2  . LYS A 1 15 ? 2.043   7.059  4.097  0.00 17.05 ? 15 LYS A HZ2  1 
ATOM   256 H HZ3  . LYS A 1 15 ? 1.213   5.744  4.258  0.00 17.05 ? 15 LYS A HZ3  1 
HETATM 257 O O    . B3L A 1 16 ? -2.292  -1.845 -1.596 1.00 10.77 ? 16 B3L A O    1 
HETATM 258 C C    . B3L A 1 16 ? -1.220  -2.016 -1.044 1.00 10.21 ? 16 B3L A C    1 
HETATM 259 C CB   . B3L A 1 16 ? 0.063   -1.974 -1.828 1.00 9.97  ? 16 B3L A CB   1 
HETATM 260 C CA   . B3L A 1 16 ? 0.433   -0.563 -2.257 1.00 9.42  ? 16 B3L A CA   1 
HETATM 261 N N    . B3L A 1 16 ? 0.983   0.135  -1.122 1.00 9.23  ? 16 B3L A N    1 
HETATM 262 C CG   . B3L A 1 16 ? 1.485   -0.646 -3.375 1.00 8.71  ? 16 B3L A CG   1 
HETATM 263 C CD   . B3L A 1 16 ? 2.072   0.695  -3.835 1.00 7.67  ? 16 B3L A CD   1 
HETATM 264 C CE2  . B3L A 1 16 ? 0.918   1.508  -4.371 1.00 7.86  ? 16 B3L A CE2  1 
HETATM 265 C CE1  . B3L A 1 16 ? 3.179   0.507  -4.870 1.00 10.39 ? 16 B3L A CE1  1 
HETATM 266 H HB1  . B3L A 1 16 ? -0.049  -2.599 -2.716 1.00 10.01 ? 16 B3L A HB1  1 
HETATM 267 H HB2  . B3L A 1 16 ? 0.878   -2.395 -1.236 1.00 10.01 ? 16 B3L A HB2  1 
HETATM 268 H HA   . B3L A 1 16 ? -0.468  -0.064 -2.643 1.00 9.50  ? 16 B3L A HA   1 
HETATM 269 H H    . B3L A 1 16 ? 1.912   -0.134 -0.846 1.00 9.27  ? 16 B3L A H    1 
HETATM 270 H HG   . B3L A 1 16 ? 1.032   -1.138 -4.237 1.00 8.64  ? 16 B3L A HG   1 
HETATM 271 H HGA  . B3L A 1 16 ? 2.304   -1.286 -3.035 1.00 8.64  ? 16 B3L A HGA  1 
HETATM 272 H HD   . B3L A 1 16 ? 2.496   1.217  -2.965 1.00 8.42  ? 16 B3L A HD   1 
HETATM 273 H H3E2 . B3L A 1 16 ? 1.091   1.743  -5.388 0.00 7.83  ? 16 B3L A H3E2 1 
HETATM 274 H H2E2 . B3L A 1 16 ? 0.826   2.404  -3.810 0.00 7.83  ? 16 B3L A H2E2 1 
HETATM 275 H H1E2 . B3L A 1 16 ? 0.024   0.946  -4.285 0.00 7.83  ? 16 B3L A H1E2 1 
HETATM 276 H H3E1 . B3L A 1 16 ? 2.910   0.992  -5.771 0.00 10.39 ? 16 B3L A H3E1 1 
HETATM 277 H H2E1 . B3L A 1 16 ? 4.085   0.913  -4.504 0.00 10.39 ? 16 B3L A H2E1 1 
HETATM 278 H H1E1 . B3L A 1 16 ? 3.311   -0.532 -5.057 0.00 10.39 ? 16 B3L A H1E1 1 
ATOM   279 N N    . TYR A 1 17 ? -1.112  -2.295 0.248  1.00 10.71 ? 17 TYR A N    1 
ATOM   280 C CA   . TYR A 1 17 ? -2.295  -2.454 1.091  1.00 11.11 ? 17 TYR A CA   1 
ATOM   281 C C    . TYR A 1 17 ? -3.307  -1.309 1.060  1.00 9.98  ? 17 TYR A C    1 
ATOM   282 O O    . TYR A 1 17 ? -4.475  -1.526 0.780  1.00 10.85 ? 17 TYR A O    1 
ATOM   283 C CB   . TYR A 1 17 ? -1.904  -2.781 2.553  1.00 11.53 ? 17 TYR A CB   1 
ATOM   284 C CG   . TYR A 1 17 ? -3.128  -3.180 3.304  1.00 11.62 ? 17 TYR A CG   1 
ATOM   285 C CD1  . TYR A 1 17 ? -3.603  -4.497 3.229  1.00 13.03 ? 17 TYR A CD1  1 
ATOM   286 C CD2  . TYR A 1 17 ? -3.856  -2.241 4.045  1.00 12.56 ? 17 TYR A CD2  1 
ATOM   287 C CE1  . TYR A 1 17 ? -4.772  -4.877 3.888  1.00 13.80 ? 17 TYR A CE1  1 
ATOM   288 C CE2  . TYR A 1 17 ? -5.025  -2.610 4.714  1.00 13.14 ? 17 TYR A CE2  1 
ATOM   289 C CZ   . TYR A 1 17 ? -5.478  -3.934 4.602  1.00 11.77 ? 17 TYR A CZ   1 
ATOM   290 O OH   . TYR A 1 17 ? -6.658  -4.339 5.190  1.00 14.68 ? 17 TYR A OH   1 
ATOM   291 H H    . TYR A 1 17 ? -0.368  -2.459 0.649  1.00 10.69 ? 17 TYR A H    1 
ATOM   292 H HA   . TYR A 1 17 ? -2.774  -3.243 0.754  1.00 10.88 ? 17 TYR A HA   1 
ATOM   293 H HB2  . TYR A 1 17 ? -1.274  -3.519 2.567  1.00 11.29 ? 17 TYR A HB2  1 
ATOM   294 H HB3  . TYR A 1 17 ? -1.522  -1.996 2.976  1.00 11.29 ? 17 TYR A HB3  1 
ATOM   295 H HD1  . TYR A 1 17 ? -3.136  -5.124 2.725  1.00 12.88 ? 17 TYR A HD1  1 
ATOM   296 H HD2  . TYR A 1 17 ? -3.557  -1.362 4.093  1.00 12.47 ? 17 TYR A HD2  1 
ATOM   297 H HE1  . TYR A 1 17 ? -5.090  -5.748 3.815  1.00 13.14 ? 17 TYR A HE1  1 
ATOM   298 H HE2  . TYR A 1 17 ? -5.516  -1.980 5.188  1.00 12.68 ? 17 TYR A HE2  1 
ATOM   299 H HH   . TYR A 1 17 ? -6.514  -4.948 5.720  0.00 14.36 ? 17 TYR A HH   1 
ATOM   300 N N    . HIS A 1 18 ? -2.876  -0.115 1.420  1.00 10.12 ? 18 HIS A N    1 
ATOM   301 C CA   . HIS A 1 18 ? -3.790  1.008  1.624  1.00 10.90 ? 18 HIS A CA   1 
ATOM   302 C C    . HIS A 1 18 ? -4.337  1.673  0.355  1.00 10.39 ? 18 HIS A C    1 
ATOM   303 O O    . HIS A 1 18 ? -5.527  1.937  0.267  1.00 11.99 ? 18 HIS A O    1 
ATOM   304 C CB   . HIS A 1 18 ? -3.133  2.011  2.562  1.00 10.38 ? 18 HIS A CB   1 
ATOM   305 C CG   . HIS A 1 18 ? -3.025  1.514  3.984  1.00 13.93 ? 18 HIS A CG   1 
ATOM   306 N ND1  . HIS A 1 18 ? -4.118  1.433  4.828  1.00 15.23 ? 18 HIS A ND1  1 
ATOM   307 C CD2  . HIS A 1 18 ? -1.965  1.060  4.700  1.00 15.10 ? 18 HIS A CD2  1 
ATOM   308 C CE1  . HIS A 1 18 ? -3.734  0.965  5.999  1.00 15.34 ? 18 HIS A CE1  1 
ATOM   309 N NE2  . HIS A 1 18 ? -2.430  0.737  5.954  1.00 17.30 ? 18 HIS A NE2  1 
ATOM   310 H H    . HIS A 1 18 ? -2.033  0.073  1.550  1.00 10.29 ? 18 HIS A H    1 
ATOM   311 H HA   . HIS A 1 18 ? -4.573  0.664  2.106  1.00 10.52 ? 18 HIS A HA   1 
ATOM   312 H HB2  . HIS A 1 18 ? -2.242  2.202  2.239  1.00 11.13 ? 18 HIS A HB2  1 
ATOM   313 H HB3  . HIS A 1 18 ? -3.665  2.823  2.572  1.00 11.13 ? 18 HIS A HB3  1 
ATOM   314 H HD1  . HIS A 1 18 ? -4.923  1.654  4.619  0.00 15.15 ? 18 HIS A HD1  1 
ATOM   315 H HD2  . HIS A 1 18 ? -1.085  0.994  4.409  1.00 15.34 ? 18 HIS A HD2  1 
ATOM   316 H HE1  . HIS A 1 18 ? -4.287  0.832  6.729  1.00 15.77 ? 18 HIS A HE1  1 
ATOM   317 H HE2  . HIS A 1 18 ? -1.954  0.430  6.599  0.00 17.27 ? 18 HIS A HE2  1 
HETATM 318 C C    . BIL A 1 19 ? -5.064  0.625  -2.891 1.00 12.22 ? 19 BIL A C    1 
HETATM 319 O O    . BIL A 1 19 ? -6.202  1.038  -3.118 1.00 11.57 ? 19 BIL A O    1 
HETATM 320 C CA   . BIL A 1 19 ? -3.850  1.529  -2.910 1.00 11.62 ? 19 BIL A CA   1 
HETATM 321 C CB   . BIL A 1 19 ? -3.814  2.582  -1.850 1.00 11.12 ? 19 BIL A CB   1 
HETATM 322 N N    . BIL A 1 19 ? -3.467  1.911  -0.616 1.00 10.37 ? 19 BIL A N    1 
HETATM 323 C CG   . BIL A 1 19 ? -2.760  3.663  -2.217 1.00 13.03 ? 19 BIL A CG   1 
HETATM 324 C CD2  . BIL A 1 19 ? -3.123  4.431  -3.502 1.00 14.39 ? 19 BIL A CD2  1 
HETATM 325 C CD1  . BIL A 1 19 ? -2.516  4.638  -1.071 1.00 13.82 ? 19 BIL A CD1  1 
HETATM 326 C CE1  . BIL A 1 19 ? -1.192  5.384  -1.151 1.00 12.64 ? 19 BIL A CE1  1 
HETATM 327 H HA   . BIL A 1 19 ? -3.809  2.004  -3.893 1.00 11.79 ? 19 BIL A HA   1 
HETATM 328 H HAA  . BIL A 1 19 ? -2.945  0.921  -2.822 1.00 11.79 ? 19 BIL A HAA  1 
HETATM 329 H HB   . BIL A 1 19 ? -4.803  3.061  -1.784 1.00 11.17 ? 19 BIL A HB   1 
HETATM 330 H H    . BIL A 1 19 ? -2.495  1.689  -0.483 1.00 10.57 ? 19 BIL A H    1 
HETATM 331 H HG   . BIL A 1 19 ? -1.811  3.145  -2.415 1.00 13.08 ? 19 BIL A HG   1 
HETATM 332 H H3D2 . BIL A 1 19 ? -2.360  4.296  -4.222 0.00 14.48 ? 19 BIL A H3D2 1 
HETATM 333 H H2D2 . BIL A 1 19 ? -3.224  5.462  -3.279 0.00 14.48 ? 19 BIL A H2D2 1 
HETATM 334 H H1D2 . BIL A 1 19 ? -4.039  4.061  -3.884 0.00 14.48 ? 19 BIL A H1D2 1 
HETATM 335 H H1D1 . BIL A 1 19 ? -2.551  4.103  -0.121 1.00 13.36 ? 19 BIL A H1D1 1 
HETATM 336 H H2D1 . BIL A 1 19 ? -3.328  5.368  -1.058 1.00 13.36 ? 19 BIL A H2D1 1 
HETATM 337 H H3E1 . BIL A 1 19 ? -1.373  6.422  -1.201 0.00 12.65 ? 19 BIL A H3E1 1 
HETATM 338 H H2E1 . BIL A 1 19 ? -0.665  5.071  -2.019 0.00 12.65 ? 19 BIL A H2E1 1 
HETATM 339 H H1E1 . BIL A 1 19 ? -0.610  5.162  -0.292 0.00 12.65 ? 19 BIL A H1E1 1 
ATOM   340 N N    . GLU A 1 20 ? -4.801  -0.642 -2.671 1.00 12.50 ? 20 GLU A N    1 
ATOM   341 C CA   . GLU A 1 20 ? -5.808  -1.659 -2.786 1.00 14.39 ? 20 GLU A CA   1 
ATOM   342 C C    . GLU A 1 20 ? -7.108  -1.464 -2.014 1.00 14.56 ? 20 GLU A C    1 
ATOM   343 O O    . GLU A 1 20 ? -8.187  -1.554 -2.606 1.00 14.24 ? 20 GLU A O    1 
ATOM   344 C CB   . GLU A 1 20 ? -5.192  -3.024 -2.515 1.00 15.50 ? 20 GLU A CB   1 
ATOM   345 C CG   . GLU A 1 20 ? -6.069  -4.152 -2.935 1.00 18.85 ? 20 GLU A CG   1 
ATOM   346 C CD   . GLU A 1 20 ? -5.536  -5.496 -2.502 1.00 23.09 ? 20 GLU A CD   1 
ATOM   347 O OE1  . GLU A 1 20 ? -4.297  -5.604 -2.311 1.00 24.68 ? 20 GLU A OE1  1 
ATOM   348 O OE2  . GLU A 1 20 ? -6.379  -6.422 -2.334 1.00 28.79 ? 20 GLU A OE2  1 
ATOM   349 H H    . GLU A 1 20 ? -3.994  -0.958 -2.581 1.00 12.93 ? 20 GLU A H    1 
ATOM   350 H HA   . GLU A 1 20 ? -6.071  -1.673 -3.734 1.00 14.26 ? 20 GLU A HA   1 
ATOM   351 H HB2  . GLU A 1 20 ? -4.362  -3.097 -3.010 1.00 15.23 ? 20 GLU A HB2  1 
ATOM   352 H HB3  . GLU A 1 20 ? -5.023  -3.110 -1.563 1.00 15.23 ? 20 GLU A HB3  1 
ATOM   353 H HG2  . GLU A 1 20 ? -6.949  -4.046 -2.542 1.00 19.06 ? 20 GLU A HG2  1 
ATOM   354 H HG3  . GLU A 1 20 ? -6.138  -4.154 -3.903 1.00 19.06 ? 20 GLU A HG3  1 
ATOM   355 N N    . ASN A 1 21 ? -7.002  -1.203 -0.715 1.00 14.54 ? 21 ASN A N    1 
ATOM   356 C CA   . ASN A 1 21 ? -8.152  -1.246 0.171  1.00 15.65 ? 21 ASN A CA   1 
ATOM   357 C C    . ASN A 1 21 ? -8.909  0.047  0.302  1.00 16.27 ? 21 ASN A C    1 
ATOM   358 O O    . ASN A 1 21 ? -10.125 0.025  0.409  1.00 17.23 ? 21 ASN A O    1 
ATOM   359 C CB   . ASN A 1 21 ? -7.745  -1.810 1.531  1.00 15.88 ? 21 ASN A CB   1 
ATOM   360 C CG   . ASN A 1 21 ? -7.551  -3.281 1.468  1.00 16.79 ? 21 ASN A CG   1 
ATOM   361 O OD1  . ASN A 1 21 ? -8.513  -4.017 1.488  1.00 19.57 ? 21 ASN A OD1  1 
ATOM   362 N ND2  . ASN A 1 21 ? -6.333  -3.721 1.336  1.00 15.68 ? 21 ASN A ND2  1 
ATOM   363 H H    . ASN A 1 21 ? -6.248  -0.993 -0.316 1.00 14.84 ? 21 ASN A H    1 
ATOM   364 H HA   . ASN A 1 21 ? -8.794  -1.891 -0.206 1.00 15.59 ? 21 ASN A HA   1 
ATOM   365 H HB2  . ASN A 1 21 ? -6.911  -1.400 1.813  1.00 15.85 ? 21 ASN A HB2  1 
ATOM   366 H HB3  . ASN A 1 21 ? -8.443  -1.626 2.178  1.00 15.85 ? 21 ASN A HB3  1 
ATOM   367 H HD21 . ASN A 1 21 ? -5.639  -3.090 1.298  0.00 17.06 ? 21 ASN A HD21 1 
ATOM   368 H HD22 . ASN A 1 21 ? -6.230  -4.681 1.290  0.00 17.06 ? 21 ASN A HD22 1 
HETATM 369 N N    . B3E A 1 22 ? -8.220  1.156  0.252  1.00 16.27 ? 22 B3E A N    1 
HETATM 370 C CA   . B3E A 1 22 ? -8.846  2.452  0.355  1.00 15.97 ? 22 B3E A CA   1 
HETATM 371 C CG   . B3E A 1 22 ? -8.247  3.295  1.492  1.00 18.77 ? 22 B3E A CG   1 
HETATM 372 C CD   . B3E A 1 22 ? -8.192  2.658  2.896  1.00 24.16 ? 22 B3E A CD   1 
HETATM 373 C CE   . B3E A 1 22 ? -6.874  2.895  3.717  1.00 28.85 ? 22 B3E A CE   1 
HETATM 374 O OF2  . B3E A 1 22 ? -6.338  4.051  3.876  1.00 29.76 ? 22 B3E A OF2  1 
HETATM 375 O OF1  . B3E A 1 22 ? -6.338  1.877  4.233  1.00 30.56 ? 22 B3E A OF1  1 
HETATM 376 C CB   . B3E A 1 22 ? -8.581  3.132  -0.993 1.00 15.08 ? 22 B3E A CB   1 
HETATM 377 C C    . B3E A 1 22 ? -9.552  2.689  -2.076 1.00 13.81 ? 22 B3E A C    1 
HETATM 378 O O    . B3E A 1 22 ? -10.747 2.998  -2.044 1.00 13.90 ? 22 B3E A O    1 
HETATM 379 H H    . B3E A 1 22 ? -7.369  1.141  0.168  1.00 16.19 ? 22 B3E A H    1 
HETATM 380 H HA   . B3E A 1 22 ? -9.934  2.372  0.508  1.00 15.96 ? 22 B3E A HA   1 
HETATM 381 H HG2  . B3E A 1 22 ? -7.234  3.586  1.204  1.00 19.38 ? 22 B3E A HG2  1 
HETATM 382 H HG3  . B3E A 1 22 ? -8.825  4.220  1.564  1.00 19.38 ? 22 B3E A HG3  1 
HETATM 383 H HD2  . B3E A 1 22 ? -9.032  3.044  3.478  1.00 24.00 ? 22 B3E A HD2  1 
HETATM 384 H HD3  . B3E A 1 22 ? -8.346  1.581  2.797  1.00 24.00 ? 22 B3E A HD3  1 
HETATM 385 H HB1  . B3E A 1 22 ? -7.555  2.927  -1.309 1.00 14.71 ? 22 B3E A HB1  1 
HETATM 386 H HB2  . B3E A 1 22 ? -8.669  4.214  -0.866 1.00 14.71 ? 22 B3E A HB2  1 
ATOM   387 N N    . LEU A 1 23 ? -9.032  1.964  -3.040 1.00 13.09 ? 23 LEU A N    1 
ATOM   388 C CA   . LEU A 1 23 ? -9.808  1.516  -4.172 1.00 14.48 ? 23 LEU A CA   1 
ATOM   389 C C    . LEU A 1 23 ? -10.981 0.611  -3.844 1.00 14.77 ? 23 LEU A C    1 
ATOM   390 O O    . LEU A 1 23 ? -12.047 0.842  -4.336 1.00 14.75 ? 23 LEU A O    1 
ATOM   391 C CB   . LEU A 1 23 ? -8.904  0.917  -5.275 1.00 14.23 ? 23 LEU A CB   1 
ATOM   392 C CG   . LEU A 1 23 ? -7.891  1.843  -5.982 1.00 15.24 ? 23 LEU A CG   1 
ATOM   393 C CD1  . LEU A 1 23 ? -7.194  1.130  -7.129 1.00 13.89 ? 23 LEU A CD1  1 
ATOM   394 C CD2  . LEU A 1 23 ? -8.523  3.106  -6.520 1.00 17.03 ? 23 LEU A CD2  1 
ATOM   395 H H    . LEU A 1 23 ? -8.195  1.758  -3.092 1.00 13.65 ? 23 LEU A H    1 
ATOM   396 H HA   . LEU A 1 23 ? -10.210 2.325  -4.562 1.00 14.20 ? 23 LEU A HA   1 
ATOM   397 H HB2  . LEU A 1 23 ? -8.393  0.193  -4.880 1.00 14.50 ? 23 LEU A HB2  1 
ATOM   398 H HB3  . LEU A 1 23 ? -9.480  0.554  -5.967 1.00 14.50 ? 23 LEU A HB3  1 
ATOM   399 H HG   . LEU A 1 23 ? -7.211  2.105  -5.343 1.00 15.13 ? 23 LEU A HG   1 
ATOM   400 H HD11 . LEU A 1 23 ? -6.574  1.731  -7.544 0.00 13.93 ? 23 LEU A HD11 1 
ATOM   401 H HD12 . LEU A 1 23 ? -7.854  0.845  -7.770 0.00 13.93 ? 23 LEU A HD12 1 
ATOM   402 H HD13 . LEU A 1 23 ? -6.725  0.362  -6.788 0.00 13.93 ? 23 LEU A HD13 1 
ATOM   403 H HD21 . LEU A 1 23 ? -9.202  2.868  -7.155 0.00 17.19 ? 23 LEU A HD21 1 
ATOM   404 H HD22 . LEU A 1 23 ? -7.846  3.633  -6.946 0.00 17.19 ? 23 LEU A HD22 1 
ATOM   405 H HD23 . LEU A 1 23 ? -8.911  3.592  -5.790 0.00 17.19 ? 23 LEU A HD23 1 
ATOM   406 N N    . ALA A 1 24 ? -10.790 -0.420 -3.034 1.00 16.14 ? 24 ALA A N    1 
ATOM   407 C CA   . ALA A 1 24 ? -11.833 -1.439 -2.847 1.00 17.68 ? 24 ALA A CA   1 
ATOM   408 C C    . ALA A 1 24 ? -13.070 -0.934 -2.058 1.00 18.33 ? 24 ALA A C    1 
ATOM   409 O O    . ALA A 1 24 ? -14.214 -1.338 -2.322 1.00 19.64 ? 24 ALA A O    1 
ATOM   410 C CB   . ALA A 1 24 ? -11.210 -2.688 -2.133 1.00 17.35 ? 24 ALA A CB   1 
ATOM   411 H H    . ALA A 1 24 ? -10.061 -0.558 -2.575 1.00 16.18 ? 24 ALA A H    1 
ATOM   412 H HA   . ALA A 1 24 ? -12.143 -1.731 -3.729 1.00 17.42 ? 24 ALA A HA   1 
ATOM   413 H HB1  . ALA A 1 24 ? -10.504 -3.043 -2.679 0.00 17.43 ? 24 ALA A HB1  1 
ATOM   414 H HB2  . ALA A 1 24 ? -11.893 -3.352 -2.013 0.00 17.43 ? 24 ALA A HB2  1 
ATOM   415 H HB3  . ALA A 1 24 ? -10.859 -2.421 -1.279 0.00 17.43 ? 24 ALA A HB3  1 
HETATM 416 N N    . HMR A 1 25 ? -12.824 -0.103 -1.076 1.00 19.03 ? 25 HMR A N    1 
HETATM 417 C CB   . HMR A 1 25 ? -13.853 0.414  -0.211 1.00 19.53 ? 25 HMR A CB   1 
HETATM 418 C CC   . HMR A 1 25 ? -13.576 -0.128 1.197  1.00 21.61 ? 25 HMR A CC   1 
HETATM 419 C CG   . HMR A 1 25 ? -13.640 -1.651 1.142  1.00 25.19 ? 25 HMR A CG   1 
HETATM 420 C CD   . HMR A 1 25 ? -13.432 -2.374 2.475  1.00 29.74 ? 25 HMR A CD   1 
HETATM 421 N NE   . HMR A 1 25 ? -14.717 -2.472 3.157  1.00 33.36 ? 25 HMR A NE   1 
HETATM 422 C CZ   . HMR A 1 25 ? -15.457 -3.582 3.314  1.00 35.89 ? 25 HMR A CZ   1 
HETATM 423 N NH1  . HMR A 1 25 ? -16.596 -3.447 3.997  1.00 37.75 ? 25 HMR A NH1  1 
HETATM 424 N NH2  . HMR A 1 25 ? -15.141 -4.804 2.855  1.00 35.62 ? 25 HMR A NH2  1 
HETATM 425 C C    . HMR A 1 25 ? -14.567 2.461  -1.379 1.00 19.44 ? 25 HMR A C    1 
HETATM 426 O O    . HMR A 1 25 ? -15.784 2.514  -1.356 1.00 20.09 ? 25 HMR A O    1 
HETATM 427 C CA   . HMR A 1 25 ? -13.771 1.913  -0.216 1.00 19.59 ? 25 HMR A CA   1 
HETATM 428 H H    . HMR A 1 25 ? -11.881 0.185  -0.869 1.00 18.98 ? 25 HMR A H    1 
HETATM 429 H HB   . HMR A 1 25 ? -14.858 0.096  -0.525 1.00 19.52 ? 25 HMR A HB   1 
HETATM 430 H HB2  . HMR A 1 25 ? -12.588 0.193  1.535  1.00 21.97 ? 25 HMR A HB2  1 
HETATM 431 H HB3  . HMR A 1 25 ? -14.322 0.251  1.899  1.00 21.97 ? 25 HMR A HB3  1 
HETATM 432 H HG2  . HMR A 1 25 ? -14.610 -1.946 0.730  1.00 25.42 ? 25 HMR A HG2  1 
HETATM 433 H HG3  . HMR A 1 25 ? -12.876 -2.020 0.455  1.00 25.42 ? 25 HMR A HG3  1 
HETATM 434 H HD2  . HMR A 1 25 ? -13.025 -3.364 2.301  1.00 29.52 ? 25 HMR A HD2  1 
HETATM 435 H HD3  . HMR A 1 25 ? -12.733 -1.811 3.094  1.00 29.52 ? 25 HMR A HD3  1 
HETATM 436 H HE   . HMR A 1 25 ? -15.059 -1.655 3.541  1.00 33.11 ? 25 HMR A HE   1 
HETATM 437 H HH1  . HMR A 1 25 ? -17.109 -4.126 4.113  1.00 37.18 ? 25 HMR A HH1  1 
HETATM 438 H HH21 . HMR A 1 25 ? -15.671 -5.467 2.997  1.00 35.70 ? 25 HMR A HH21 1 
HETATM 439 H HH22 . HMR A 1 25 ? -14.416 -4.933 2.421  1.00 35.70 ? 25 HMR A HH22 1 
HETATM 440 H HC1  . HMR A 1 25 ? -12.728 2.233  -0.287 1.00 19.54 ? 25 HMR A HC1  1 
HETATM 441 H HC2  . HMR A 1 25 ? -14.179 2.305  0.717  1.00 19.54 ? 25 HMR A HC2  1 
HETATM 442 H HH12 . HMR A 1 25 ? -16.836 -2.679 4.299  1.00 37.18 ? 25 HMR A HH12 1 
ATOM   443 N N    . ILE A 1 26 ? -13.866 2.852  -2.424 1.00 18.52 ? 26 ILE A N    1 
ATOM   444 C CA   . ILE A 1 26 ? -14.508 3.436  -3.601 1.00 18.51 ? 26 ILE A CA   1 
ATOM   445 C C    . ILE A 1 26 ? -15.407 2.448  -4.356 1.00 19.25 ? 26 ILE A C    1 
ATOM   446 O O    . ILE A 1 26 ? -16.586 2.743  -4.617 1.00 19.60 ? 26 ILE A O    1 
ATOM   447 C CB   . ILE A 1 26 ? -13.456 4.082  -4.516 1.00 17.98 ? 26 ILE A CB   1 
ATOM   448 C CG1  . ILE A 1 26 ? -12.846 5.284  -3.800 1.00 16.82 ? 26 ILE A CG1  1 
ATOM   449 C CG2  . ILE A 1 26 ? -14.089 4.496  -5.864 1.00 17.11 ? 26 ILE A CG2  1 
ATOM   450 C CD1  . ILE A 1 26 ? -11.603 5.776  -4.389 1.00 20.09 ? 26 ILE A CD1  1 
ATOM   451 H H    . ILE A 1 26 ? -13.006 2.834  -2.462 1.00 18.76 ? 26 ILE A H    1 
ATOM   452 H HA   . ILE A 1 26 ? -15.092 4.166  -3.295 1.00 18.55 ? 26 ILE A HA   1 
ATOM   453 H HB   . ILE A 1 26 ? -12.755 3.435  -4.692 1.00 18.05 ? 26 ILE A HB   1 
ATOM   454 H HG12 . ILE A 1 26 ? -13.486 6.011  -3.821 1.00 17.86 ? 26 ILE A HG12 1 
ATOM   455 H HG13 . ILE A 1 26 ? -12.653 5.048  -2.879 1.00 17.86 ? 26 ILE A HG13 1 
ATOM   456 H HG21 . ILE A 1 26 ? -14.446 3.719  -6.296 0.00 17.19 ? 26 ILE A HG21 1 
ATOM   457 H HG22 . ILE A 1 26 ? -13.412 4.895  -6.417 0.00 17.19 ? 26 ILE A HG22 1 
ATOM   458 H HG23 . ILE A 1 26 ? -14.790 5.132  -5.697 0.00 17.19 ? 26 ILE A HG23 1 
ATOM   459 H HD11 . ILE A 1 26 ? -11.290 6.529  -3.880 0.00 20.13 ? 26 ILE A HD11 1 
ATOM   460 H HD12 . ILE A 1 26 ? -11.777 6.050  -5.297 0.00 20.13 ? 26 ILE A HD12 1 
ATOM   461 H HD13 . ILE A 1 26 ? -10.947 5.079  -4.379 0.00 20.13 ? 26 ILE A HD13 1 
ATOM   462 N N    . LYS A 1 27 ? -14.862 1.280  -4.687 1.00 19.88 ? 27 LYS A N    1 
ATOM   463 C CA   . LYS A 1 27 ? -15.567 0.300  -5.494 1.00 21.09 ? 27 LYS A CA   1 
ATOM   464 C C    . LYS A 1 27 ? -16.779 -0.239 -4.717 1.00 21.53 ? 27 LYS A C    1 
ATOM   465 O O    . LYS A 1 27 ? -17.888 -0.223 -5.233 1.00 22.32 ? 27 LYS A O    1 
ATOM   466 C CB   . LYS A 1 27 ? -14.595 -0.810 -5.911 1.00 21.38 ? 27 LYS A CB   1 
ATOM   467 C CG   . LYS A 1 27 ? -15.155 -1.961 -6.769 1.00 23.05 ? 27 LYS A CG   1 
ATOM   468 C CD   . LYS A 1 27 ? -14.118 -3.127 -6.928 1.00 25.14 ? 27 LYS A CD   1 
ATOM   469 C CE   . LYS A 1 27 ? -13.688 -3.748 -5.567 1.00 27.89 ? 27 LYS A CE   1 
ATOM   470 N NZ   . LYS A 1 27 ? -12.413 -4.568 -5.489 1.00 26.82 ? 27 LYS A NZ   1 
ATOM   471 H H    . LYS A 1 27 ? -14.059 1.034  -4.445 1.00 20.03 ? 27 LYS A H    1 
ATOM   472 H HA   . LYS A 1 27 ? -15.899 0.734  -6.308 1.00 20.99 ? 27 LYS A HA   1 
ATOM   473 H HB2  . LYS A 1 27 ? -13.875 -0.402 -6.417 1.00 21.41 ? 27 LYS A HB2  1 
ATOM   474 H HB3  . LYS A 1 27 ? -14.234 -1.187 -5.096 1.00 21.41 ? 27 LYS A HB3  1 
ATOM   475 H HG2  . LYS A 1 27 ? -15.949 -2.325 -6.349 1.00 23.15 ? 27 LYS A HG2  1 
ATOM   476 H HG3  . LYS A 1 27 ? -15.368 -1.624 -7.653 1.00 23.15 ? 27 LYS A HG3  1 
ATOM   477 H HD2  . LYS A 1 27 ? -14.517 -3.830 -7.464 1.00 25.29 ? 27 LYS A HD2  1 
ATOM   478 H HD3  . LYS A 1 27 ? -13.326 -2.786 -7.367 1.00 25.29 ? 27 LYS A HD3  1 
ATOM   479 H HE2  . LYS A 1 27 ? -13.581 -3.035 -4.926 1.00 26.99 ? 27 LYS A HE2  1 
ATOM   480 H HE3  . LYS A 1 27 ? -14.408 -4.333 -5.285 1.00 26.99 ? 27 LYS A HE3  1 
ATOM   481 H HZ1  . LYS A 1 27 ? -12.464 -5.317 -6.073 0.00 25.61 ? 27 LYS A HZ1  1 
ATOM   482 H HZ2  . LYS A 1 27 ? -12.276 -4.877 -4.586 0.00 25.61 ? 27 LYS A HZ2  1 
ATOM   483 H HZ3  . LYS A 1 27 ? -11.659 -4.020 -5.739 0.00 25.61 ? 27 LYS A HZ3  1 
HETATM 484 N N    . B3K A 1 28 ? -16.585 -0.691 -3.484 1.00 22.29 ? 28 B3K A N    1 
HETATM 485 C CA   . B3K A 1 28 ? -17.696 -1.227 -2.688 1.00 22.74 ? 28 B3K A CA   1 
HETATM 486 C CG   . B3K A 1 28 ? -17.299 -2.507 -1.936 1.00 22.56 ? 28 B3K A CG   1 
HETATM 487 C CB   . B3K A 1 28 ? -18.158 -0.181 -1.692 1.00 23.06 ? 28 B3K A CB   1 
HETATM 488 C C    . B3K A 1 28 ? -19.147 0.815  -2.277 1.00 23.94 ? 28 B3K A C    1 
HETATM 489 O O    . B3K A 1 28 ? -20.288 0.472  -2.614 1.00 24.23 ? 28 B3K A O    1 
HETATM 490 H H    . B3K A 1 28 ? -15.809 -0.696 -3.128 1.00 22.21 ? 28 B3K A H    1 
HETATM 491 H HA   . B3K A 1 28 ? -18.548 -1.481 -3.336 1.00 22.67 ? 28 B3K A HA   1 
HETATM 492 H HG2  . B3K A 1 28 ? -16.247 -2.728 -2.136 0.00 22.72 ? 28 B3K A HG2  1 
HETATM 493 H HG3  . B3K A 1 28 ? -17.437 -2.353 -0.864 0.00 22.72 ? 28 B3K A HG3  1 
HETATM 494 H HB1  . B3K A 1 28 ? -17.283 0.348  -1.307 1.00 23.33 ? 28 B3K A HB1  1 
HETATM 495 H HB2  . B3K A 1 28 ? -18.629 -0.683 -0.844 1.00 23.33 ? 28 B3K A HB2  1 
ATOM   496 N N    . LEU A 1 29 ? -18.708 2.070  -2.363 1.00 23.85 ? 29 LEU A N    1 
ATOM   497 C CA   . LEU A 1 29 ? -19.545 3.173  -2.839 1.00 24.39 ? 29 LEU A CA   1 
ATOM   498 C C    . LEU A 1 29 ? -20.161 2.968  -4.227 1.00 24.20 ? 29 LEU A C    1 
ATOM   499 O O    . LEU A 1 29 ? -21.313 3.290  -4.423 1.00 24.59 ? 29 LEU A O    1 
ATOM   500 C CB   . LEU A 1 29 ? -18.790 4.507  -2.746 1.00 24.47 ? 29 LEU A CB   1 
ATOM   501 C CG   . LEU A 1 29 ? -18.458 4.999  -1.333 1.00 25.92 ? 29 LEU A CG   1 
ATOM   502 C CD1  . LEU A 1 29 ? -17.360 6.056  -1.292 1.00 25.59 ? 29 LEU A CD1  1 
ATOM   503 C CD2  . LEU A 1 29 ? -19.726 5.516  -0.647 1.00 27.84 ? 29 LEU A CD2  1 
ATOM   504 H H    . LEU A 1 29 ? -17.925 2.320  -2.105 1.00 24.02 ? 29 LEU A H    1 
ATOM   505 H HA   . LEU A 1 29 ? -20.302 3.241  -2.218 1.00 24.25 ? 29 LEU A HA   1 
ATOM   506 H HB2  . LEU A 1 29 ? -17.952 4.422  -3.224 1.00 24.60 ? 29 LEU A HB2  1 
ATOM   507 H HB3  . LEU A 1 29 ? -19.331 5.193  -3.168 1.00 24.60 ? 29 LEU A HB3  1 
ATOM   508 H HG   . LEU A 1 29 ? -18.142 4.243  -0.813 1.00 25.95 ? 29 LEU A HG   1 
ATOM   509 H HD11 . LEU A 1 29 ? -17.204 6.319  -0.387 0.00 25.69 ? 29 LEU A HD11 1 
ATOM   510 H HD12 . LEU A 1 29 ? -17.639 6.819  -1.814 0.00 25.69 ? 29 LEU A HD12 1 
ATOM   511 H HD13 . LEU A 1 29 ? -16.556 5.689  -1.671 0.00 25.69 ? 29 LEU A HD13 1 
ATOM   512 H HD21 . LEU A 1 29 ? -20.084 6.246  -1.171 0.00 27.93 ? 29 LEU A HD21 1 
ATOM   513 H HD22 . LEU A 1 29 ? -19.505 5.829  0.228  0.00 27.93 ? 29 LEU A HD22 1 
ATOM   514 H HD23 . LEU A 1 29 ? -20.367 4.807  -0.601 0.00 27.93 ? 29 LEU A HD23 1 
ATOM   515 N N    . LEU A 1 30 ? -19.426 2.408  -5.180 1.00 24.19 ? 30 LEU A N    1 
ATOM   516 C CA   . LEU A 1 30 ? -19.920 2.324  -6.567 1.00 24.79 ? 30 LEU A CA   1 
ATOM   517 C C    . LEU A 1 30 ? -20.722 1.048  -6.891 1.00 26.73 ? 30 LEU A C    1 
ATOM   518 O O    . LEU A 1 30 ? -21.250 0.920  -8.002 1.00 27.31 ? 30 LEU A O    1 
ATOM   519 C CB   . LEU A 1 30 ? -18.765 2.491  -7.555 1.00 23.93 ? 30 LEU A CB   1 
ATOM   520 C CG   . LEU A 1 30 ? -18.116 3.869  -7.535 1.00 21.39 ? 30 LEU A CG   1 
ATOM   521 C CD1  . LEU A 1 30 ? -16.934 3.882  -8.495 1.00 21.18 ? 30 LEU A CD1  1 
ATOM   522 C CD2  . LEU A 1 30 ? -19.112 5.000  -7.882 1.00 19.45 ? 30 LEU A CD2  1 
ATOM   523 H H    . LEU A 1 30 ? -18.633 2.066  -5.058 1.00 24.35 ? 30 LEU A H    1 
ATOM   524 H HA   . LEU A 1 30 ? -20.532 3.074  -6.723 1.00 24.89 ? 30 LEU A HA   1 
ATOM   525 H HB2  . LEU A 1 30 ? -18.077 1.839  -7.342 1.00 24.15 ? 30 LEU A HB2  1 
ATOM   526 H HB3  . LEU A 1 30 ? -19.094 2.338  -8.455 1.00 24.15 ? 30 LEU A HB3  1 
ATOM   527 H HG   . LEU A 1 30 ? -17.776 4.042  -6.644 1.00 21.47 ? 30 LEU A HG   1 
ATOM   528 H HD11 . LEU A 1 30 ? -16.526 4.746  -8.476 0.00 21.42 ? 30 LEU A HD11 1 
ATOM   529 H HD12 . LEU A 1 30 ? -17.253 3.683  -9.380 0.00 21.42 ? 30 LEU A HD12 1 
ATOM   530 H HD13 . LEU A 1 30 ? -16.302 3.213  -8.219 0.00 21.42 ? 30 LEU A HD13 1 
ATOM   531 H HD21 . LEU A 1 30 ? -19.461 4.847  -8.760 0.00 19.61 ? 30 LEU A HD21 1 
ATOM   532 H HD22 . LEU A 1 30 ? -18.652 5.839  -7.850 0.00 19.61 ? 30 LEU A HD22 1 
ATOM   533 H HD23 . LEU A 1 30 ? -19.826 4.992  -7.237 0.00 19.61 ? 30 LEU A HD23 1 
HETATM 534 N N    . BAL A 1 31 ? -20.830 0.134  -5.910 1.00 28.34 ? 31 BAL A N    1 
HETATM 535 C CB   . BAL A 1 31 ? -21.573 -1.126 -6.069 1.00 29.87 ? 31 BAL A CB   1 
HETATM 536 C CA   . BAL A 1 31 ? -20.658 -2.303 -5.868 1.00 30.97 ? 31 BAL A CA   1 
HETATM 537 C C    . BAL A 1 31 ? -19.806 -2.540 -7.110 1.00 31.69 ? 31 BAL A C    1 
HETATM 538 O O    . BAL A 1 31 ? -18.620 -2.191 -7.145 1.00 33.36 ? 31 BAL A O    1 
HETATM 539 H H    . BAL A 1 31 ? -20.475 0.215  -5.134 1.00 28.32 ? 31 BAL A H    1 
HETATM 540 H HB3  . BAL A 1 31 ? -21.970 -1.185 -6.964 1.00 29.69 ? 31 BAL A HB3  1 
HETATM 541 H HB2  . BAL A 1 31 ? -22.285 -1.170 -5.396 1.00 29.69 ? 31 BAL A HB2  1 
HETATM 542 H HA1  . BAL A 1 31 ? -21.184 -3.085 -5.691 1.00 31.14 ? 31 BAL A HA1  1 
HETATM 543 H HA2  . BAL A 1 31 ? -20.083 -2.132 -5.118 1.00 31.14 ? 31 BAL A HA2  1 
HETATM 544 C C1   . GOL B 2 .  ? -1.113  4.591  3.247  1.00 38.80 ? 34 GOL A C1   1 
HETATM 545 O O1   . GOL B 2 .  ? -2.332  5.063  2.717  1.00 38.55 ? 34 GOL A O1   1 
HETATM 546 C C2   . GOL B 2 .  ? -1.172  4.201  4.726  1.00 38.30 ? 34 GOL A C2   1 
HETATM 547 O O2   . GOL B 2 .  ? -2.176  4.922  5.409  1.00 40.71 ? 34 GOL A O2   1 
HETATM 548 C C3   . GOL B 2 .  ? 0.176   4.330  5.459  1.00 37.85 ? 34 GOL A C3   1 
HETATM 549 O O3   . GOL B 2 .  ? 0.986   3.163  5.429  1.00 35.32 ? 34 GOL A O3   1 
HETATM 550 H H11  . GOL B 2 .  ? -0.787  3.732  2.663  1.00 38.62 ? 34 GOL A H11  1 
HETATM 551 H H12  . GOL B 2 .  ? -0.381  5.377  3.127  1.00 38.62 ? 34 GOL A H12  1 
HETATM 552 H HO1  . GOL B 2 .  ? -2.199  5.356  1.797  0.00 38.76 ? 34 GOL A HO1  1 
HETATM 553 H H2   . GOL B 2 .  ? -1.442  3.158  4.769  1.00 38.77 ? 34 GOL A H2   1 
HETATM 554 H HO2  . GOL B 2 .  ? -2.258  4.544  6.320  0.00 41.00 ? 34 GOL A HO2  1 
HETATM 555 H H31  . GOL B 2 .  ? 0.739   5.157  5.039  1.00 37.36 ? 34 GOL A H31  1 
HETATM 556 H H32  . GOL B 2 .  ? -0.023  4.590  6.498  1.00 37.36 ? 34 GOL A H32  1 
HETATM 557 H HO3  . GOL B 2 .  ? 0.774   2.639  4.429  1.00 36.10 ? 34 GOL A HO3  1 
HETATM 558 O O    . HOH C 3 .  ? 1.331   -4.920 -0.244 1.00 15.73 ? 35 HOH A O    1 
HETATM 559 O O    . HOH C 3 .  ? 4.827   -3.396 5.030  1.00 18.79 ? 36 HOH A O    1 
HETATM 560 O O    . HOH C 3 .  ? -8.383  -2.797 -5.412 1.00 19.50 ? 37 HOH A O    1 
HETATM 561 O O    . HOH C 3 .  ? -11.027 -2.262 -6.288 1.00 21.34 ? 38 HOH A O    1 
HETATM 562 O O    . HOH C 3 .  ? -1.349  -6.082 0.500  1.00 21.25 ? 39 HOH A O    1 
HETATM 563 O O    . HOH C 3 .  ? -11.470 4.858  -0.226 1.00 24.10 ? 40 HOH A O    1 
HETATM 564 O O    . HOH C 3 .  ? -2.195  -4.691 -3.011 1.00 19.23 ? 41 HOH A O    1 
HETATM 565 O O    . HOH C 3 .  ? -8.393  -6.197 4.274  1.00 25.53 ? 42 HOH A O    1 
HETATM 566 O O    . HOH C 3 .  ? 2.925   -6.985 -0.155 1.00 26.29 ? 43 HOH A O    1 
HETATM 567 O O    . HOH C 3 .  ? 9.395   -0.634 6.924  1.00 18.98 ? 44 HOH A O    1 
HETATM 568 O O    . HOH C 3 .  ? 3.930   3.145  4.767  1.00 28.38 ? 45 HOH A O    1 
HETATM 569 O O    . HOH C 3 .  ? 14.252  2.676  5.928  1.00 25.33 ? 46 HOH A O    1 
HETATM 570 O O    . HOH C 3 .  ? 11.526  2.598  6.823  1.00 29.05 ? 47 HOH A O    1 
HETATM 571 O O    . HOH C 3 .  ? 9.601   -3.073 7.290  1.00 30.82 ? 48 HOH A O    1 
HETATM 572 O O    . HOH C 3 .  ? -11.811 3.988  2.543  1.00 25.47 ? 49 HOH A O    1 
HETATM 573 O O    . HOH C 3 .  ? -17.071 2.041  0.823  1.00 29.50 ? 50 HOH A O    1 
HETATM 574 O O    . HOH C 3 .  ? 5.523   -7.786 -0.255 1.00 28.49 ? 51 HOH A O    1 
HETATM 575 O O    . HOH C 3 .  ? 5.216   5.321  4.848  1.00 30.74 ? 52 HOH A O    1 
HETATM 576 O O    . HOH C 3 .  ? 13.230  -7.337 7.529  1.00 34.77 ? 53 HOH A O    1 
HETATM 577 O O    . HOH C 3 .  ? 15.913  4.909  5.374  1.00 38.20 ? 54 HOH A O    1 
HETATM 578 O O    . HOH C 3 .  ? 6.331   -0.262 7.104  1.00 39.99 ? 55 HOH A O    1 
HETATM 579 O O    . HOH C 3 .  ? -8.760  -6.962 1.812  1.00 33.84 ? 56 HOH A O    1 
HETATM 580 O O    . HOH C 3 .  ? 4.449   1.157  6.939  1.00 37.57 ? 57 HOH A O    1 
HETATM 581 O O    . HOH C 3 .  ? -4.615  -6.558 0.148  1.00 38.63 ? 58 HOH A O    1 
HETATM 582 O O    . HOH C 3 .  ? -3.423  -8.003 2.067  0.50 22.57 ? 59 HOH A O    1 
HETATM 583 O O    . HOH C 3 .  ? -17.121 -4.533 -4.601 1.00 33.78 ? 60 HOH A O    1 
HETATM 584 O O    . HOH C 3 .  ? -14.471 -3.881 -2.988 1.00 38.49 ? 61 HOH A O    1 
HETATM 585 O O    . HOH C 3 .  ? -23.434 -0.948 -9.265 1.00 30.88 ? 62 HOH A O    1 
HETATM 586 O O    . HOH C 3 .  ? -20.287 2.178  0.631  1.00 45.20 ? 63 HOH A O    1 
HETATM 587 O O    . HOH C 3 .  ? 0.111   2.749  8.246  1.00 49.25 ? 64 HOH A O    1 
HETATM 588 O O    . HOH C 3 .  ? -12.613 -5.272 0.906  1.00 44.21 ? 65 HOH A O    1 
HETATM 589 O O    . HOH C 3 .  ? -8.613  -5.402 -5.209 1.00 46.89 ? 66 HOH A O    1 
HETATM 590 O O    . HOH C 3 .  ? -8.238  0.289  5.095  1.00 26.15 ? 67 HOH A O    1 
HETATM 591 O O    . HOH C 3 .  ? -14.355 -5.682 -1.019 1.00 44.04 ? 68 HOH A O    1 
HETATM 592 O O    . HOH C 3 .  ? 26.252  9.110  1.248  1.00 39.55 ? 69 HOH A O    1 
HETATM 593 O O    . HOH C 3 .  ? 3.620   7.605  5.586  1.00 36.99 ? 70 HOH A O    1 
HETATM 594 O O    . HOH C 3 .  ? 25.941  12.415 1.368  0.50 36.03 ? 71 HOH A O    1 
HETATM 595 O O    . HOH C 3 .  ? -10.412 -1.581 3.878  1.00 28.40 ? 72 HOH A O    1 
HETATM 596 O O    . HOH C 3 .  ? -17.433 -4.629 6.562  1.00 43.64 ? 73 HOH A O    1 
HETATM 597 O O    . HOH C 3 .  ? 18.135  -5.460 2.332  1.00 51.17 ? 74 HOH A O    1 
HETATM 598 O O    . HOH C 3 .  ? -10.901 -3.785 2.527  1.00 40.34 ? 75 HOH A O    1 
HETATM 599 O O    . HOH C 3 .  ? -20.095 -0.840 1.540  1.00 47.08 ? 76 HOH A O    1 
HETATM 600 O O    . HOH C 3 .  ? -9.174  -6.197 -0.757 1.00 45.76 ? 77 HOH A O    1 
HETATM 601 O O    . HOH C 3 .  ? 16.602  4.459  2.191  1.00 37.99 ? 78 HOH A O    1 
HETATM 602 O O    . HOH C 3 .  ? 24.963  10.769 3.425  0.50 53.48 ? 79 HOH A O    1 
HETATM 603 O O    . HOH C 3 .  ? 21.115  1.673  6.332  1.00 34.56 ? 80 HOH A O    1 
HETATM 604 O O    . HOH C 3 .  ? 11.583  -4.040 9.699  1.00 47.40 ? 81 HOH A O    1 
HETATM 605 O O    . HOH C 3 .  ? -3.214  -8.232 -2.642 1.00 44.36 ? 82 HOH A O    1 
HETATM 606 O O    . HOH C 3 .  ? -5.299  5.229  1.912  1.00 43.58 ? 83 HOH A O    1 
# 
